data_8QW7
#
_entry.id   8QW7
#
_cell.length_a   72.520
_cell.length_b   125.929
_cell.length_c   81.056
_cell.angle_alpha   90.000
_cell.angle_beta   111.610
_cell.angle_gamma   90.000
#
_symmetry.space_group_name_H-M   'P 1 21 1'
#
loop_
_entity.id
_entity.type
_entity.pdbx_description
1 polymer Elongin-B
2 polymer Elongin-C
3 polymer 'von Hippel-Lindau disease tumor suppressor'
4 polymer 'GTPase KRas'
5 non-polymer (2S,4R)-1-[(2R)-2-[3-[4-[(3S)-4-[4-[5-[(4S)-2-azanyl-3-cyano-4-methyl-6,7-dihydro-5H-1-benzothiophen-4-yl]-1,2,4-oxadiazol-3-yl]pyrimidin-2-yl]-3-methyl-1,4-diazepan-1-yl]butoxy]-1,2-oxazol-5-yl]-3-methyl-butanoyl]-N-[[4-(4-methyl-1,3-thiazol-5-yl)phenyl]methyl]-4-oxidanyl-pyrrolidine-2-carboxamide
6 non-polymer "GUANOSINE-5'-DIPHOSPHATE"
7 non-polymer 'MAGNESIUM ION'
8 water water
#
loop_
_entity_poly.entity_id
_entity_poly.type
_entity_poly.pdbx_seq_one_letter_code
_entity_poly.pdbx_strand_id
1 'polypeptide(L)'
;MDVFLMIRRHKTTIFTDAKESSTVFELKRIVEGILKRPPDEQRLYKDDQLLDDGKTLGECGFTSQTARPQAPATVGLAFR
ADDTFEALCIEPFSSPPELPDVMK
;
D,H
2 'polypeptide(L)'
;MMYVKLISSDGHEFIVKREHALTSGTIKAMLSGPGQFAENETNEVNFREIPSHVLSKVCMYFTYKVRYTNSSTEIPEFPI
APEIALELLMAANFLDC
;
C,G
3 'polypeptide(L)'
;GSMEAGRPRPVLRSVNSREPSQVIFCNRSPRVVLPVWLNFDGEPQPYPTLPPGTGRRIHSYRGHLWLFRDAGTHDGLLVN
QTELFVPSLNVDGQPIFANITLPVYTLKERCLQVVRSLVKPENYRRLDIVRSLYEDLEDHPNVQKDLERLTQERIAHQRM
GD
;
B,F
4 'polypeptide(L)'
;GMTEYKLVVVGAVGVGKSALTIQLIQNHFVDEYDPTIEDSYRKQVVIDGETCLLDILDTAGQEEYSAMRDQYMRTGEGFL
CVFAINNTKSFEDIHHYREQIKRVKDSEDVPMVLVGNKSDLPSRTVDTKQAQDLARSYGIPFIETSAKTRQGVDDAFYTL
VREIRKHKEK
;
A,E
#
loop_
_chem_comp.id
_chem_comp.type
_chem_comp.name
_chem_comp.formula
GDP RNA linking GUANOSINE-5'-DIPHOSPHATE 'C10 H15 N5 O11 P2'
MG non-polymer 'MAGNESIUM ION' 'Mg 2'
X53 non-polymer (2S,4R)-1-[(2R)-2-[3-[4-[(3S)-4-[4-[5-[(4S)-2-azanyl-3-cyano-4-methyl-6,7-dihydro-5H-1-benzothiophen-4-yl]-1,2,4-oxadiazol-3-yl]pyrimidin-2-yl]-3-methyl-1,4-diazepan-1-yl]butoxy]-1,2-oxazol-5-yl]-3-methyl-butanoyl]-N-[[4-(4-methyl-1,3-thiazol-5-yl)phenyl]methyl]-4-oxidanyl-pyrrolidine-2-carboxamide 'C50 H60 N12 O6 S2'
#
# COMPACT_ATOMS: atom_id res chain seq x y z
N MET A 1 12.07 13.39 6.37
CA MET A 1 12.75 12.18 6.90
C MET A 1 13.13 12.46 8.33
N ASP A 2 12.82 11.53 9.23
CA ASP A 2 13.19 11.71 10.65
C ASP A 2 14.19 10.63 10.96
N VAL A 3 15.18 10.95 11.77
CA VAL A 3 16.15 9.89 12.14
C VAL A 3 16.00 9.66 13.63
N PHE A 4 16.18 8.44 14.09
CA PHE A 4 15.98 8.14 15.50
C PHE A 4 17.27 7.63 16.07
N LEU A 5 17.69 8.18 17.20
CA LEU A 5 19.00 7.83 17.71
C LEU A 5 19.10 7.75 19.20
N MET A 6 20.09 7.02 19.68
CA MET A 6 20.32 6.99 21.10
C MET A 6 21.75 7.40 21.30
N ILE A 7 21.99 8.38 22.16
CA ILE A 7 23.37 8.92 22.35
C ILE A 7 23.98 8.38 23.64
N ARG A 8 24.97 7.51 23.53
CA ARG A 8 25.55 6.86 24.73
C ARG A 8 26.92 7.42 25.06
N ARG A 9 27.22 7.50 26.36
CA ARG A 9 28.48 7.96 27.00
C ARG A 9 28.43 7.47 28.43
N HIS A 10 29.50 6.85 28.91
CA HIS A 10 29.44 6.25 30.26
C HIS A 10 28.25 5.31 30.31
N LYS A 11 27.38 5.53 31.29
CA LYS A 11 26.15 4.73 31.38
C LYS A 11 25.00 5.72 31.25
N THR A 12 24.85 6.31 30.07
CA THR A 12 23.83 7.32 29.85
C THR A 12 23.47 7.31 28.38
N THR A 13 22.21 6.97 28.09
CA THR A 13 21.76 6.89 26.71
C THR A 13 20.53 7.78 26.55
N ILE A 14 20.63 8.75 25.66
CA ILE A 14 19.56 9.74 25.42
C ILE A 14 18.74 9.27 24.24
N PHE A 15 17.45 9.16 24.42
CA PHE A 15 16.55 8.77 23.34
C PHE A 15 15.91 10.04 22.78
N THR A 16 16.56 10.58 21.76
CA THR A 16 16.05 11.77 21.04
C THR A 16 15.88 11.49 19.54
N ASP A 17 15.08 12.31 18.88
CA ASP A 17 14.79 12.22 17.45
C ASP A 17 15.24 13.50 16.78
N ALA A 18 15.89 13.36 15.65
CA ALA A 18 16.35 14.50 14.90
C ALA A 18 16.17 14.27 13.42
N LYS A 19 16.22 15.32 12.62
CA LYS A 19 16.00 15.16 11.20
C LYS A 19 17.29 14.96 10.44
N GLU A 20 17.28 14.11 9.42
CA GLU A 20 18.49 13.81 8.67
C GLU A 20 19.10 15.10 8.21
N SER A 21 18.28 16.11 7.98
CA SER A 21 18.78 17.41 7.56
C SER A 21 19.19 18.22 8.76
N SER A 22 19.53 17.56 9.86
CA SER A 22 20.00 18.29 11.01
C SER A 22 21.48 18.14 11.06
N THR A 23 22.16 19.18 11.48
CA THR A 23 23.63 19.15 11.48
C THR A 23 24.20 18.69 12.81
N VAL A 24 25.25 17.88 12.76
CA VAL A 24 25.86 17.37 13.98
C VAL A 24 26.00 18.45 15.02
N PHE A 25 26.30 19.65 14.56
CA PHE A 25 26.40 20.74 15.47
C PHE A 25 25.04 21.00 16.09
N GLU A 26 24.07 21.31 15.26
CA GLU A 26 22.73 21.49 15.82
C GLU A 26 22.40 20.37 16.81
N LEU A 27 22.95 19.18 16.58
CA LEU A 27 22.73 18.07 17.49
C LEU A 27 23.56 18.23 18.74
N LYS A 28 24.77 18.75 18.60
CA LYS A 28 25.61 18.89 19.76
C LYS A 28 24.89 19.78 20.75
N ARG A 29 24.06 20.69 20.24
CA ARG A 29 23.27 21.52 21.13
C ARG A 29 22.00 20.82 21.57
N ILE A 30 21.73 19.63 21.07
CA ILE A 30 20.56 18.89 21.52
C ILE A 30 20.97 18.23 22.81
N VAL A 31 22.27 18.22 23.08
CA VAL A 31 22.77 17.69 24.33
C VAL A 31 22.96 18.88 25.23
N GLU A 32 23.01 20.07 24.63
CA GLU A 32 23.21 21.31 25.38
C GLU A 32 22.06 21.50 26.35
N GLY A 33 20.85 21.22 25.90
CA GLY A 33 19.69 21.48 26.75
C GLY A 33 19.40 20.34 27.70
N ILE A 34 20.14 19.25 27.66
CA ILE A 34 19.78 18.16 28.60
C ILE A 34 21.00 17.74 29.41
N LEU A 35 22.11 17.51 28.74
CA LEU A 35 23.30 17.16 29.49
C LEU A 35 24.02 18.38 30.05
N LYS A 36 23.61 19.59 29.65
CA LYS A 36 24.14 20.84 30.19
C LYS A 36 25.60 21.05 29.78
N ARG A 37 25.90 20.85 28.51
CA ARG A 37 27.31 20.94 28.13
C ARG A 37 27.42 21.64 26.79
N PRO A 38 28.50 22.45 26.61
CA PRO A 38 28.72 23.16 25.35
C PRO A 38 28.99 22.33 24.14
N PRO A 39 28.55 22.82 22.98
CA PRO A 39 28.78 22.08 21.73
C PRO A 39 30.23 22.08 21.27
N ASP A 40 31.04 22.92 21.92
CA ASP A 40 32.48 22.99 21.57
C ASP A 40 33.23 22.25 22.67
N GLU A 41 32.49 21.43 23.43
CA GLU A 41 33.09 20.63 24.52
C GLU A 41 32.65 19.19 24.34
N GLN A 42 31.77 18.95 23.36
CA GLN A 42 31.23 17.61 23.15
C GLN A 42 31.84 16.92 21.94
N ARG A 43 32.09 15.62 22.04
CA ARG A 43 32.62 14.86 20.91
C ARG A 43 31.74 13.69 20.54
N LEU A 44 30.97 13.81 19.45
CA LEU A 44 30.04 12.76 19.05
C LEU A 44 30.68 11.78 18.09
N TYR A 45 30.80 10.53 18.50
CA TYR A 45 31.47 9.53 17.70
C TYR A 45 30.56 8.50 17.12
N LYS A 46 30.26 8.59 15.84
CA LYS A 46 29.50 7.54 15.23
C LYS A 46 30.51 6.44 15.13
N ASP A 47 30.27 5.33 15.79
CA ASP A 47 31.26 4.29 15.84
C ASP A 47 32.58 4.90 16.32
N ASP A 48 33.70 4.48 15.76
CA ASP A 48 34.99 4.98 16.28
C ASP A 48 35.50 6.16 15.49
N GLN A 49 34.74 6.60 14.50
CA GLN A 49 35.12 7.81 13.80
C GLN A 49 34.38 8.93 14.50
N LEU A 50 34.68 10.17 14.12
CA LEU A 50 34.05 11.34 14.75
C LEU A 50 33.21 12.14 13.78
N LEU A 51 32.80 13.35 14.15
CA LEU A 51 31.90 14.10 13.28
C LEU A 51 32.15 15.60 13.19
N ASP A 52 32.22 16.12 11.97
CA ASP A 52 32.37 17.55 11.79
C ASP A 52 31.04 18.18 12.07
N ASP A 53 31.01 19.17 12.96
CA ASP A 53 29.74 19.78 13.34
C ASP A 53 28.86 20.08 12.15
N GLY A 54 29.47 20.42 11.01
CA GLY A 54 28.70 20.74 9.83
C GLY A 54 27.98 19.56 9.21
N LYS A 55 28.61 18.40 9.22
CA LYS A 55 28.02 17.23 8.59
C LYS A 55 26.55 17.09 8.98
N THR A 56 25.68 16.86 8.01
CA THR A 56 24.27 16.68 8.31
C THR A 56 24.09 15.27 8.83
N LEU A 57 23.01 15.04 9.57
CA LEU A 57 22.84 13.74 10.18
C LEU A 57 22.99 12.64 9.17
N GLY A 58 22.43 12.82 8.00
CA GLY A 58 22.45 11.75 7.02
C GLY A 58 23.78 11.26 6.50
N GLU A 59 24.65 12.17 6.05
CA GLU A 59 25.91 11.74 5.44
C GLU A 59 26.75 10.95 6.40
N CYS A 60 26.58 11.18 7.69
CA CYS A 60 27.42 10.51 8.64
C CYS A 60 27.09 9.04 8.62
N GLY A 61 25.95 8.70 8.04
CA GLY A 61 25.55 7.31 7.96
C GLY A 61 24.27 7.08 8.70
N PHE A 62 23.45 8.11 8.79
CA PHE A 62 22.21 7.98 9.53
C PHE A 62 21.01 8.20 8.64
N THR A 63 20.49 7.13 8.06
CA THR A 63 19.30 7.24 7.20
C THR A 63 18.16 6.60 7.97
N SER A 64 16.93 6.85 7.54
CA SER A 64 15.72 6.29 8.20
C SER A 64 15.81 4.77 8.20
N GLN A 65 16.31 4.19 7.13
CA GLN A 65 16.53 2.75 7.02
C GLN A 65 17.44 2.22 8.14
N THR A 66 18.25 3.02 8.84
CA THR A 66 19.06 2.40 9.88
C THR A 66 19.03 3.16 11.21
N ALA A 67 18.15 4.13 11.33
CA ALA A 67 18.01 4.84 12.56
C ALA A 67 16.56 4.96 12.80
N ARG A 68 15.90 3.82 12.93
CA ARG A 68 14.47 3.82 13.10
C ARG A 68 14.06 3.75 14.55
N PRO A 69 12.85 4.21 14.84
CA PRO A 69 12.36 4.22 16.21
C PRO A 69 12.49 2.87 16.91
N GLN A 70 12.18 1.77 16.24
CA GLN A 70 12.22 0.45 16.84
C GLN A 70 13.64 -0.08 16.93
N ALA A 71 14.61 0.71 16.51
CA ALA A 71 16.01 0.34 16.62
C ALA A 71 16.90 1.52 16.34
N PRO A 72 16.90 2.51 17.23
CA PRO A 72 17.66 3.73 16.94
C PRO A 72 19.18 3.53 16.72
N ALA A 73 19.78 4.20 15.72
CA ALA A 73 21.22 4.08 15.50
C ALA A 73 21.90 4.77 16.68
N THR A 74 22.97 4.19 17.17
CA THR A 74 23.64 4.68 18.36
C THR A 74 24.77 5.66 18.02
N VAL A 75 25.02 6.59 18.94
CA VAL A 75 25.88 7.76 18.70
C VAL A 75 26.76 7.95 19.93
N GLY A 76 28.04 7.68 19.85
CA GLY A 76 28.83 7.82 21.04
C GLY A 76 29.00 9.25 21.49
N LEU A 77 29.24 9.49 22.78
CA LEU A 77 29.53 10.85 23.25
C LEU A 77 30.79 10.95 24.07
N ALA A 78 31.65 11.91 23.73
CA ALA A 78 32.87 12.13 24.52
C ALA A 78 32.85 13.56 25.06
N PHE A 79 33.26 13.72 26.32
CA PHE A 79 33.23 15.05 26.98
C PHE A 79 34.67 15.49 27.32
N ARG A 80 34.96 16.78 27.20
CA ARG A 80 36.32 17.30 27.51
C ARG A 80 36.59 17.15 29.01
N ASP A 82 38.85 20.21 31.70
CA ASP A 82 38.58 21.57 31.16
C ASP A 82 39.38 21.78 29.88
N ASP A 83 40.41 20.96 29.64
CA ASP A 83 41.30 21.21 28.48
C ASP A 83 41.37 20.03 27.50
N THR A 84 41.44 18.77 27.97
CA THR A 84 41.61 17.64 26.99
C THR A 84 40.35 16.77 26.86
N PHE A 85 39.93 16.46 25.63
CA PHE A 85 38.76 15.56 25.41
C PHE A 85 39.14 14.13 25.77
N GLU A 86 38.18 13.31 26.18
CA GLU A 86 38.46 11.92 26.62
C GLU A 86 38.32 10.94 25.45
N LEU A 88 36.80 7.31 23.31
CA LEU A 88 35.62 7.45 24.21
C LEU A 88 35.41 6.16 24.97
N CYS A 89 34.21 6.00 25.53
CA CYS A 89 33.89 4.76 26.29
C CYS A 89 32.39 4.68 26.55
N ILE A 90 31.74 3.66 25.96
CA ILE A 90 30.36 3.34 26.26
C ILE A 90 30.36 2.02 27.03
N GLU A 91 29.66 1.97 28.14
CA GLU A 91 29.74 0.68 28.83
C GLU A 91 28.56 -0.22 28.43
N PRO A 92 28.81 -1.48 28.07
CA PRO A 92 27.76 -2.33 27.50
C PRO A 92 26.58 -2.50 28.44
N PHE A 93 25.49 -3.01 27.89
CA PHE A 93 24.30 -3.25 28.68
C PHE A 93 24.31 -4.62 29.27
N SER A 94 23.23 -4.99 29.93
CA SER A 94 23.11 -6.29 30.54
C SER A 94 22.83 -7.32 29.45
N SER A 95 23.11 -8.58 29.70
CA SER A 95 22.94 -9.59 28.67
C SER A 95 21.92 -10.62 29.06
N PRO A 96 21.07 -10.99 28.11
CA PRO A 96 19.97 -11.89 28.49
C PRO A 96 20.38 -13.26 28.97
N PRO A 97 19.53 -13.85 29.80
CA PRO A 97 19.80 -15.20 30.27
C PRO A 97 19.81 -16.18 29.15
N GLU A 98 20.39 -17.34 29.38
CA GLU A 98 20.48 -18.31 28.30
C GLU A 98 19.08 -18.78 27.90
N LEU A 99 18.80 -18.77 26.61
CA LEU A 99 17.48 -19.16 26.05
C LEU A 99 16.93 -20.43 26.72
N PRO A 100 15.75 -20.42 27.34
CA PRO A 100 15.21 -21.61 27.97
C PRO A 100 15.00 -22.71 26.93
N ASP A 101 15.06 -23.96 27.30
CA ASP A 101 14.81 -24.97 26.29
C ASP A 101 13.42 -24.97 25.70
N VAL A 102 12.41 -24.59 26.46
CA VAL A 102 11.03 -24.66 25.98
C VAL A 102 10.76 -23.61 24.93
N MET A 103 11.61 -22.61 24.86
CA MET A 103 11.49 -21.60 23.85
C MET A 103 12.40 -21.91 22.67
N LYS A 104 12.76 -23.15 22.50
CA LYS A 104 13.63 -23.53 21.42
C LYS A 104 12.95 -24.59 20.61
N MET B 2 11.03 18.76 27.82
CA MET B 2 10.92 18.14 29.15
C MET B 2 11.32 16.68 29.02
N TYR B 3 11.97 16.15 30.05
CA TYR B 3 12.58 14.81 30.03
C TYR B 3 12.41 14.07 31.36
N VAL B 4 12.71 12.78 31.34
CA VAL B 4 12.63 11.96 32.57
C VAL B 4 13.84 11.01 32.52
N LYS B 5 14.44 10.70 33.67
CA LYS B 5 15.56 9.74 33.69
C LYS B 5 15.05 8.43 34.27
N LEU B 6 15.20 7.36 33.51
CA LEU B 6 14.75 6.05 33.99
C LEU B 6 16.03 5.27 34.27
N ILE B 7 16.14 4.69 35.47
CA ILE B 7 17.40 4.02 35.85
C ILE B 7 17.15 2.53 35.96
N SER B 8 18.03 1.72 35.38
CA SER B 8 17.88 0.28 35.46
C SER B 8 18.44 -0.22 36.76
N SER B 9 18.10 -1.45 37.11
CA SER B 9 18.68 -2.05 38.30
C SER B 9 20.17 -2.04 38.14
N ASP B 10 20.66 -2.34 36.95
CA ASP B 10 22.09 -2.38 36.70
C ASP B 10 22.75 -1.06 36.98
N GLY B 11 22.10 0.03 36.60
CA GLY B 11 22.65 1.35 36.85
C GLY B 11 22.76 2.24 35.64
N HIS B 12 22.22 1.80 34.51
CA HIS B 12 22.23 2.65 33.32
C HIS B 12 21.12 3.67 33.44
N GLU B 13 21.38 4.87 32.96
CA GLU B 13 20.38 5.93 33.11
C GLU B 13 19.83 6.26 31.72
N PHE B 14 18.56 5.92 31.46
CA PHE B 14 17.98 6.13 30.10
C PHE B 14 17.15 7.42 30.14
N ILE B 15 17.54 8.39 29.33
CA ILE B 15 16.86 9.71 29.34
C ILE B 15 16.01 9.84 28.09
N VAL B 16 14.69 9.83 28.25
CA VAL B 16 13.79 9.89 27.09
C VAL B 16 12.65 10.84 27.41
N LYS B 17 12.12 11.58 26.43
CA LYS B 17 11.11 12.65 26.65
C LYS B 17 9.92 12.29 27.55
N ARG B 18 9.33 13.28 28.20
CA ARG B 18 8.17 13.05 29.06
C ARG B 18 7.07 12.20 28.47
N GLU B 19 6.42 12.67 27.41
CA GLU B 19 5.28 11.95 26.83
C GLU B 19 5.62 10.51 26.46
N HIS B 20 6.83 10.28 26.02
CA HIS B 20 7.23 8.94 25.68
C HIS B 20 7.07 7.98 26.84
N ALA B 21 7.45 8.41 28.04
CA ALA B 21 7.35 7.53 29.20
C ALA B 21 5.94 7.46 29.67
N LEU B 22 5.19 8.52 29.41
CA LEU B 22 3.80 8.54 29.80
C LEU B 22 3.11 7.40 29.09
N THR B 23 3.74 6.86 28.05
CA THR B 23 3.18 5.66 27.45
C THR B 23 2.89 4.58 28.50
N SER B 24 3.63 4.63 29.59
CA SER B 24 3.49 3.64 30.68
C SER B 24 2.44 4.10 31.70
N GLY B 25 1.42 3.30 31.97
CA GLY B 25 0.43 3.70 32.98
C GLY B 25 1.10 3.76 34.33
N THR B 26 1.94 2.77 34.62
CA THR B 26 2.72 2.63 35.88
C THR B 26 3.70 3.76 36.00
N ILE B 27 4.22 4.30 34.92
CA ILE B 27 5.16 5.45 35.03
C ILE B 27 4.36 6.75 34.90
N LYS B 28 3.03 6.69 34.89
CA LYS B 28 2.23 7.93 34.83
C LYS B 28 1.81 8.25 36.26
N ALA B 29 1.41 7.23 37.01
CA ALA B 29 0.96 7.36 38.42
C ALA B 29 2.13 7.75 39.31
N MET B 30 3.34 7.37 38.94
CA MET B 30 4.57 7.69 39.67
C MET B 30 5.02 9.11 39.34
N LEU B 31 4.44 9.78 38.37
CA LEU B 31 4.93 11.14 38.03
C LEU B 31 3.75 12.11 38.01
N ASN B 43 10.24 13.61 38.71
CA ASN B 43 11.07 14.13 37.60
C ASN B 43 12.32 13.26 37.40
N GLU B 44 12.26 12.02 37.90
CA GLU B 44 13.37 11.03 37.76
C GLU B 44 12.86 9.71 38.31
N VAL B 45 13.13 8.58 37.66
CA VAL B 45 12.56 7.28 38.13
C VAL B 45 13.58 6.15 38.08
N ASN B 46 13.62 5.30 39.11
CA ASN B 46 14.52 4.16 39.16
C ASN B 46 13.72 2.86 39.26
N PHE B 47 14.27 1.79 38.70
CA PHE B 47 13.60 0.52 38.68
C PHE B 47 14.69 -0.45 39.01
N ARG B 48 14.44 -1.35 39.94
CA ARG B 48 15.47 -2.27 40.37
C ARG B 48 15.21 -3.70 39.95
N GLU B 49 14.17 -3.91 39.16
CA GLU B 49 13.84 -5.25 38.69
C GLU B 49 13.95 -5.31 37.20
N ILE B 50 14.24 -4.18 36.58
CA ILE B 50 14.36 -4.14 35.13
C ILE B 50 15.79 -3.85 34.75
N PRO B 51 16.47 -4.85 34.19
CA PRO B 51 17.88 -4.70 33.80
C PRO B 51 18.09 -3.64 32.76
N SER B 52 19.34 -3.40 32.41
CA SER B 52 19.66 -2.39 31.42
C SER B 52 19.22 -2.83 30.03
N HIS B 53 19.21 -4.13 29.78
CA HIS B 53 18.87 -4.59 28.45
C HIS B 53 17.37 -4.55 28.19
N VAL B 54 16.57 -4.85 29.19
CA VAL B 54 15.13 -4.77 28.99
C VAL B 54 14.66 -3.33 28.94
N LEU B 55 15.23 -2.45 29.73
CA LEU B 55 14.73 -1.08 29.75
C LEU B 55 15.12 -0.37 28.51
N SER B 56 16.15 -0.83 27.85
CA SER B 56 16.53 -0.20 26.61
C SER B 56 15.46 -0.46 25.57
N LYS B 57 15.05 -1.71 25.43
CA LYS B 57 14.04 -2.05 24.45
C LYS B 57 12.74 -1.48 24.93
N VAL B 58 12.58 -1.39 26.23
CA VAL B 58 11.39 -0.75 26.76
C VAL B 58 11.29 0.66 26.20
N CYS B 59 12.37 1.43 26.36
CA CYS B 59 12.34 2.82 25.91
C CYS B 59 12.12 2.89 24.40
N MET B 60 12.75 1.98 23.67
CA MET B 60 12.60 1.93 22.23
C MET B 60 11.15 1.76 21.87
N TYR B 61 10.43 0.98 22.67
CA TYR B 61 9.00 0.90 22.44
C TYR B 61 8.37 2.27 22.58
N PHE B 62 8.81 3.04 23.58
CA PHE B 62 8.15 4.32 23.82
C PHE B 62 8.19 5.18 22.55
N THR B 63 9.35 5.28 21.91
CA THR B 63 9.48 6.07 20.69
C THR B 63 8.68 5.50 19.53
N TYR B 64 8.56 4.18 19.48
CA TYR B 64 7.79 3.53 18.44
C TYR B 64 6.32 3.73 18.64
N LYS B 65 5.86 3.60 19.88
CA LYS B 65 4.45 3.88 20.12
C LYS B 65 4.06 5.27 19.70
N VAL B 66 4.98 6.23 19.82
CA VAL B 66 4.56 7.62 19.66
C VAL B 66 4.69 8.07 18.22
N ARG B 67 5.70 7.60 17.53
CA ARG B 67 5.79 7.88 16.12
C ARG B 67 4.62 7.33 15.33
N TYR B 68 4.32 6.06 15.49
CA TYR B 68 3.32 5.41 14.66
C TYR B 68 1.85 5.31 15.14
N THR B 69 1.49 5.93 16.25
CA THR B 69 0.08 5.92 16.68
C THR B 69 -0.74 6.86 15.81
N ASN B 70 -1.90 6.39 15.39
CA ASN B 70 -2.84 7.07 14.47
C ASN B 70 -2.19 7.41 13.13
N SER B 71 -1.30 6.54 12.68
CA SER B 71 -0.60 6.69 11.39
C SER B 71 -1.61 6.19 10.40
N SER B 72 -1.81 6.88 9.29
CA SER B 72 -2.75 6.44 8.28
C SER B 72 -2.11 5.42 7.35
N THR B 73 -0.84 5.60 7.07
CA THR B 73 -0.10 4.70 6.20
C THR B 73 0.29 3.43 6.97
N GLU B 74 1.16 2.59 6.40
CA GLU B 74 1.53 1.33 7.03
C GLU B 74 2.65 1.55 8.06
N ILE B 75 2.65 0.65 9.06
CA ILE B 75 3.39 0.60 10.32
C ILE B 75 4.31 -0.62 10.30
N PRO B 76 5.54 -0.55 10.77
CA PRO B 76 6.41 -1.72 10.79
C PRO B 76 6.35 -2.47 12.11
N GLU B 77 6.55 -3.79 12.02
CA GLU B 77 6.43 -4.64 13.18
C GLU B 77 7.46 -4.27 14.23
N PHE B 78 7.05 -4.32 15.50
CA PHE B 78 8.01 -4.11 16.58
C PHE B 78 8.78 -5.41 16.82
N PRO B 79 10.09 -5.41 16.57
CA PRO B 79 10.86 -6.62 16.75
C PRO B 79 11.08 -6.92 18.22
N ILE B 80 11.09 -8.22 18.55
CA ILE B 80 11.44 -8.69 19.89
C ILE B 80 12.38 -9.87 19.73
N ALA B 81 13.57 -9.79 20.33
CA ALA B 81 14.38 -10.97 20.07
C ALA B 81 13.99 -12.07 21.04
N PRO B 82 14.18 -13.34 20.68
CA PRO B 82 13.78 -14.42 21.60
C PRO B 82 14.46 -14.36 22.98
N GLU B 83 15.73 -14.05 23.04
CA GLU B 83 16.38 -14.02 24.33
C GLU B 83 15.82 -13.01 25.32
N ILE B 84 15.32 -11.88 24.86
CA ILE B 84 14.82 -10.84 25.75
C ILE B 84 13.32 -10.87 25.91
N ALA B 85 12.63 -11.79 25.25
CA ALA B 85 11.17 -11.79 25.28
C ALA B 85 10.49 -11.91 26.62
N LEU B 86 10.80 -12.96 27.37
CA LEU B 86 10.19 -13.16 28.67
C LEU B 86 10.47 -11.99 29.63
N GLU B 87 11.71 -11.61 29.80
CA GLU B 87 12.01 -10.49 30.66
C GLU B 87 11.24 -9.27 30.20
N LEU B 88 11.14 -9.09 28.90
CA LEU B 88 10.41 -7.93 28.35
C LEU B 88 8.91 -8.03 28.66
N LEU B 89 8.36 -9.23 28.61
CA LEU B 89 6.95 -9.41 28.93
C LEU B 89 6.66 -8.94 30.35
N MET B 90 7.48 -9.32 31.30
CA MET B 90 7.28 -8.92 32.69
C MET B 90 7.34 -7.44 32.86
N ALA B 91 8.35 -6.83 32.29
CA ALA B 91 8.50 -5.42 32.42
C ALA B 91 7.28 -4.80 31.83
N ALA B 92 6.82 -5.38 30.75
CA ALA B 92 5.59 -4.86 30.16
C ALA B 92 4.41 -5.02 31.13
N ASN B 93 4.26 -6.21 31.69
CA ASN B 93 3.19 -6.46 32.68
C ASN B 93 3.32 -5.45 33.82
N PHE B 94 4.49 -5.38 34.45
CA PHE B 94 4.66 -4.46 35.56
C PHE B 94 4.49 -3.00 35.14
N LEU B 95 5.00 -2.62 33.99
CA LEU B 95 4.99 -1.20 33.55
C LEU B 95 3.62 -0.75 33.06
N ASP B 96 2.72 -1.69 32.79
CA ASP B 96 1.37 -1.42 32.25
C ASP B 96 1.40 -0.55 30.99
N CYS B 97 2.11 -1.01 29.97
CA CYS B 97 2.11 -0.33 28.65
C CYS B 97 2.01 -1.41 27.58
N ARG C 9 -31.54 -9.75 16.47
CA ARG C 9 -30.71 -9.60 15.29
C ARG C 9 -29.42 -8.90 15.67
N PRO C 10 -28.29 -9.43 15.17
CA PRO C 10 -27.02 -8.86 15.59
C PRO C 10 -26.79 -7.47 15.02
N VAL C 11 -25.95 -6.69 15.66
CA VAL C 11 -25.71 -5.34 15.21
C VAL C 11 -24.52 -5.32 14.27
N LEU C 12 -23.67 -6.30 14.38
CA LEU C 12 -22.56 -6.36 13.44
C LEU C 12 -22.91 -7.40 12.40
N ARG C 13 -23.46 -6.95 11.29
CA ARG C 13 -23.87 -7.84 10.24
C ARG C 13 -23.83 -7.08 8.96
N SER C 14 -23.82 -7.79 7.87
CA SER C 14 -23.80 -7.17 6.59
C SER C 14 -25.24 -6.98 6.15
N VAL C 15 -25.45 -6.16 5.14
CA VAL C 15 -26.78 -5.96 4.63
C VAL C 15 -26.92 -6.55 3.25
N ASN C 16 -27.98 -7.31 3.04
CA ASN C 16 -28.19 -7.96 1.74
C ASN C 16 -28.63 -6.92 0.74
N SER C 17 -27.67 -6.17 0.21
CA SER C 17 -27.99 -5.12 -0.75
C SER C 17 -28.00 -5.65 -2.16
N ARG C 18 -27.35 -6.77 -2.40
CA ARG C 18 -27.23 -7.32 -3.74
C ARG C 18 -26.72 -6.28 -4.70
N GLU C 19 -25.91 -5.37 -4.19
CA GLU C 19 -25.34 -4.32 -5.01
C GLU C 19 -23.84 -4.44 -5.09
N PRO C 20 -23.32 -4.97 -6.20
CA PRO C 20 -21.92 -5.17 -6.35
C PRO C 20 -21.08 -3.94 -6.08
N SER C 21 -19.93 -4.13 -5.45
CA SER C 21 -18.99 -3.04 -5.17
C SER C 21 -17.59 -3.63 -5.26
N GLN C 22 -16.84 -3.29 -6.31
CA GLN C 22 -15.52 -3.88 -6.47
C GLN C 22 -14.55 -3.20 -5.50
N VAL C 23 -13.79 -3.99 -4.75
CA VAL C 23 -12.92 -3.46 -3.66
C VAL C 23 -11.53 -4.02 -3.78
N ILE C 24 -10.50 -3.28 -3.43
CA ILE C 24 -9.14 -3.78 -3.42
C ILE C 24 -8.72 -4.13 -2.00
N PHE C 25 -8.28 -5.37 -1.78
CA PHE C 25 -7.66 -5.79 -0.51
C PHE C 25 -6.15 -5.67 -0.72
N CYS C 26 -5.49 -4.85 0.08
CA CYS C 26 -4.08 -4.59 -0.12
C CYS C 26 -3.36 -4.81 1.20
N ASN C 27 -2.59 -5.90 1.28
CA ASN C 27 -2.03 -6.37 2.56
C ASN C 27 -0.73 -5.67 2.81
N ARG C 28 -0.76 -4.53 3.50
CA ARG C 28 0.46 -3.80 3.87
C ARG C 28 0.91 -4.17 5.27
N SER C 29 0.81 -5.42 5.63
CA SER C 29 1.38 -5.88 6.90
C SER C 29 2.50 -6.88 6.59
N PRO C 30 3.33 -7.25 7.56
CA PRO C 30 4.11 -8.49 7.43
C PRO C 30 3.41 -9.75 7.90
N ARG C 31 2.10 -9.71 8.16
CA ARG C 31 1.39 -10.93 8.52
C ARG C 31 0.62 -11.45 7.33
N VAL C 32 0.49 -12.76 7.22
CA VAL C 32 -0.48 -13.34 6.30
C VAL C 32 -1.89 -12.90 6.73
N VAL C 33 -2.60 -12.16 5.88
CA VAL C 33 -3.90 -11.65 6.32
C VAL C 33 -5.01 -12.67 6.07
N LEU C 34 -5.95 -12.81 6.99
CA LEU C 34 -7.14 -13.59 6.73
C LEU C 34 -8.33 -12.64 6.74
N PRO C 35 -8.80 -12.23 5.57
CA PRO C 35 -10.01 -11.38 5.54
C PRO C 35 -11.20 -12.15 6.07
N VAL C 36 -12.03 -11.52 6.93
CA VAL C 36 -13.25 -12.14 7.46
C VAL C 36 -14.50 -11.35 7.06
N TRP C 37 -15.51 -11.98 6.45
CA TRP C 37 -16.82 -11.36 6.19
C TRP C 37 -17.83 -11.73 7.29
N LEU C 38 -18.52 -10.74 7.81
CA LEU C 38 -19.53 -10.97 8.79
C LEU C 38 -20.84 -11.12 8.05
N ASN C 39 -21.38 -12.32 8.02
CA ASN C 39 -22.58 -12.61 7.24
C ASN C 39 -23.83 -11.89 7.66
N PHE C 40 -24.89 -12.08 6.91
CA PHE C 40 -26.15 -11.40 7.20
C PHE C 40 -26.73 -11.77 8.56
N ASP C 41 -26.18 -12.77 9.23
CA ASP C 41 -26.64 -13.11 10.57
C ASP C 41 -25.54 -12.78 11.55
N GLY C 42 -24.55 -12.04 11.11
CA GLY C 42 -23.47 -11.63 11.97
C GLY C 42 -22.36 -12.62 12.24
N GLU C 43 -22.41 -13.76 11.59
CA GLU C 43 -21.39 -14.76 11.93
C GLU C 43 -20.19 -14.61 11.03
N PRO C 44 -18.98 -14.67 11.57
CA PRO C 44 -17.78 -14.49 10.81
C PRO C 44 -17.38 -15.65 9.91
N GLN C 45 -17.36 -15.42 8.60
CA GLN C 45 -17.01 -16.34 7.52
C GLN C 45 -15.60 -16.02 7.05
N PRO C 46 -14.61 -16.91 7.12
CA PRO C 46 -13.29 -16.58 6.61
C PRO C 46 -13.32 -16.61 5.10
N TYR C 47 -12.28 -16.05 4.51
CA TYR C 47 -12.08 -15.95 3.05
C TYR C 47 -10.61 -16.28 2.70
N PRO C 48 -10.19 -16.42 1.45
CA PRO C 48 -8.80 -16.70 1.15
C PRO C 48 -7.76 -15.75 1.74
N THR C 49 -6.59 -16.23 2.13
CA THR C 49 -5.63 -15.31 2.74
C THR C 49 -4.89 -14.50 1.71
N LEU C 50 -4.07 -13.56 2.19
CA LEU C 50 -3.25 -12.68 1.35
C LEU C 50 -1.83 -12.65 1.90
N PRO C 51 -0.85 -13.18 1.20
CA PRO C 51 0.54 -13.05 1.68
C PRO C 51 0.88 -11.61 2.01
N PRO C 52 1.97 -11.37 2.72
CA PRO C 52 2.41 -9.99 2.96
C PRO C 52 2.71 -9.29 1.65
N GLY C 53 2.43 -8.00 1.61
CA GLY C 53 2.63 -7.11 0.45
C GLY C 53 1.71 -7.37 -0.73
N THR C 54 0.79 -8.30 -0.62
CA THR C 54 -0.03 -8.68 -1.79
C THR C 54 -1.28 -7.81 -1.97
N GLY C 55 -1.62 -7.56 -3.22
CA GLY C 55 -2.82 -6.80 -3.52
C GLY C 55 -3.76 -7.60 -4.38
N ARG C 56 -5.01 -7.75 -3.99
CA ARG C 56 -5.96 -8.56 -4.78
C ARG C 56 -7.27 -7.82 -5.02
N ARG C 57 -7.83 -7.87 -6.21
CA ARG C 57 -9.12 -7.26 -6.49
C ARG C 57 -10.33 -8.13 -6.09
N ILE C 58 -11.09 -7.71 -5.10
CA ILE C 58 -12.20 -8.49 -4.59
C ILE C 58 -13.58 -8.01 -4.95
N HIS C 59 -14.47 -8.92 -5.34
CA HIS C 59 -15.84 -8.58 -5.61
C HIS C 59 -16.64 -8.71 -4.35
N SER C 60 -17.13 -7.61 -3.82
CA SER C 60 -18.02 -7.63 -2.67
C SER C 60 -19.21 -6.73 -2.92
N TYR C 61 -20.09 -6.63 -1.95
CA TYR C 61 -21.29 -5.85 -2.14
C TYR C 61 -21.43 -4.74 -1.10
N ARG C 62 -22.21 -3.73 -1.41
CA ARG C 62 -22.39 -2.59 -0.52
C ARG C 62 -23.12 -2.89 0.75
N GLY C 63 -22.54 -2.46 1.87
CA GLY C 63 -23.10 -2.72 3.16
C GLY C 63 -22.42 -3.87 3.81
N HIS C 64 -21.63 -4.62 3.06
CA HIS C 64 -20.98 -5.80 3.61
C HIS C 64 -19.81 -5.50 4.55
N LEU C 65 -19.81 -6.11 5.72
CA LEU C 65 -18.79 -5.80 6.75
C LEU C 65 -17.65 -6.78 6.81
N TRP C 66 -16.43 -6.28 6.84
CA TRP C 66 -15.27 -7.15 6.82
C TRP C 66 -14.36 -6.84 8.00
N LEU C 67 -13.65 -7.83 8.53
CA LEU C 67 -12.50 -7.51 9.37
C LEU C 67 -11.35 -8.47 9.03
N PHE C 68 -10.10 -8.09 9.39
CA PHE C 68 -8.89 -8.73 8.84
C PHE C 68 -7.96 -9.18 9.95
N ARG C 69 -7.55 -10.43 9.92
CA ARG C 69 -6.73 -10.95 10.99
C ARG C 69 -5.52 -11.75 10.55
N ASP C 70 -4.53 -11.87 11.43
CA ASP C 70 -3.40 -12.71 11.14
C ASP C 70 -3.97 -14.07 10.97
N ALA C 71 -3.60 -14.73 9.91
CA ALA C 71 -4.21 -16.01 9.60
C ALA C 71 -3.88 -17.13 10.54
N GLY C 72 -2.72 -17.06 11.15
CA GLY C 72 -2.32 -18.07 12.09
C GLY C 72 -2.58 -17.76 13.54
N THR C 73 -2.30 -16.54 13.95
CA THR C 73 -2.48 -16.15 15.32
C THR C 73 -3.85 -15.56 15.58
N HIS C 74 -4.56 -15.17 14.54
CA HIS C 74 -5.87 -14.53 14.65
C HIS C 74 -5.69 -13.20 15.33
N ASP C 75 -4.42 -12.80 15.47
CA ASP C 75 -4.11 -11.48 16.05
C ASP C 75 -4.83 -10.39 15.26
N GLY C 76 -4.96 -9.23 15.85
CA GLY C 76 -5.76 -8.18 15.23
C GLY C 76 -5.06 -7.28 14.23
N LEU C 77 -5.67 -7.13 13.07
CA LEU C 77 -5.15 -6.16 12.08
C LEU C 77 -6.20 -5.04 11.93
N LEU C 78 -5.85 -3.97 11.23
CA LEU C 78 -6.67 -2.78 11.04
C LEU C 78 -6.86 -2.60 9.57
N VAL C 79 -7.96 -1.97 9.16
CA VAL C 79 -8.11 -1.56 7.78
C VAL C 79 -8.49 -0.09 7.70
N ASN C 80 -7.77 0.70 6.92
CA ASN C 80 -8.06 2.13 6.70
C ASN C 80 -8.05 2.84 8.05
N GLN C 81 -7.20 2.37 8.96
CA GLN C 81 -6.94 2.92 10.32
C GLN C 81 -8.11 2.76 11.30
N THR C 82 -9.09 1.94 10.98
CA THR C 82 -10.22 1.54 11.84
C THR C 82 -10.27 0.01 11.89
N GLU C 83 -11.16 -0.58 12.65
CA GLU C 83 -11.14 -2.05 12.63
C GLU C 83 -12.18 -2.70 11.76
N LEU C 84 -13.06 -1.94 11.11
CA LEU C 84 -14.00 -2.58 10.19
C LEU C 84 -13.98 -1.84 8.85
N PHE C 85 -14.54 -2.49 7.86
CA PHE C 85 -14.52 -1.93 6.53
C PHE C 85 -15.92 -2.18 6.02
N VAL C 86 -16.53 -1.18 5.44
CA VAL C 86 -17.84 -1.39 4.78
C VAL C 86 -17.74 -0.53 3.55
N PRO C 87 -17.72 -1.16 2.36
CA PRO C 87 -17.61 -0.40 1.13
C PRO C 87 -18.82 0.47 0.93
N SER C 88 -18.68 1.53 0.17
CA SER C 88 -19.83 2.35 -0.15
C SER C 88 -20.19 1.83 -1.52
N LEU C 89 -20.97 2.58 -2.29
CA LEU C 89 -21.23 2.16 -3.66
C LEU C 89 -20.13 2.79 -4.47
N ASN C 90 -19.75 2.16 -5.57
CA ASN C 90 -18.61 2.67 -6.34
C ASN C 90 -18.98 3.92 -7.10
N VAL C 91 -17.98 4.72 -7.46
CA VAL C 91 -18.25 5.93 -8.27
C VAL C 91 -17.43 5.81 -9.55
N ASP C 92 -18.08 5.89 -10.71
CA ASP C 92 -17.44 5.66 -12.00
C ASP C 92 -16.56 4.44 -11.97
N GLY C 93 -17.06 3.37 -11.36
CA GLY C 93 -16.30 2.13 -11.32
C GLY C 93 -14.89 2.29 -10.76
N GLN C 94 -14.64 3.36 -10.03
CA GLN C 94 -13.42 3.42 -9.25
C GLN C 94 -13.50 2.38 -8.14
N PRO C 95 -12.48 1.53 -7.98
CA PRO C 95 -12.48 0.56 -6.87
C PRO C 95 -12.34 1.26 -5.55
N ILE C 96 -12.91 0.68 -4.52
CA ILE C 96 -12.82 1.17 -3.14
C ILE C 96 -11.61 0.46 -2.56
N PHE C 97 -10.73 1.16 -1.89
CA PHE C 97 -9.45 0.64 -1.43
C PHE C 97 -9.49 0.28 0.06
N ALA C 98 -8.83 -0.81 0.40
CA ALA C 98 -8.89 -1.36 1.75
C ALA C 98 -7.43 -1.71 2.06
N ASN C 99 -6.77 -0.83 2.82
CA ASN C 99 -5.35 -0.94 3.13
C ASN C 99 -5.27 -1.56 4.50
N ILE C 100 -4.68 -2.75 4.59
CA ILE C 100 -4.59 -3.52 5.84
C ILE C 100 -3.23 -3.28 6.47
N THR C 101 -3.18 -3.16 7.81
CA THR C 101 -1.95 -2.68 8.42
C THR C 101 -1.94 -3.18 9.84
N LEU C 102 -0.73 -3.40 10.38
CA LEU C 102 -0.58 -3.78 11.78
C LEU C 102 -1.04 -2.61 12.62
N PRO C 103 -1.75 -2.90 13.70
CA PRO C 103 -2.06 -1.81 14.60
C PRO C 103 -0.85 -1.62 15.48
N VAL C 104 -0.83 -0.62 16.32
CA VAL C 104 0.28 -0.49 17.26
C VAL C 104 -0.13 -1.23 18.50
N TYR C 105 0.45 -2.40 18.66
CA TYR C 105 0.12 -3.19 19.79
C TYR C 105 0.86 -2.71 21.00
N THR C 106 0.28 -2.95 22.15
CA THR C 106 0.89 -2.59 23.43
C THR C 106 2.10 -3.50 23.60
N LEU C 107 3.16 -3.01 24.20
CA LEU C 107 4.38 -3.82 24.34
C LEU C 107 4.03 -5.11 25.06
N LYS C 108 2.95 -5.14 25.83
CA LYS C 108 2.61 -6.37 26.55
C LYS C 108 1.92 -7.33 25.61
N GLU C 109 1.07 -6.82 24.72
CA GLU C 109 0.41 -7.71 23.79
C GLU C 109 1.38 -8.12 22.70
N ARG C 110 2.34 -7.26 22.36
CA ARG C 110 3.38 -7.72 21.46
C ARG C 110 4.14 -8.88 22.07
N CYS C 111 4.65 -8.70 23.28
CA CYS C 111 5.42 -9.77 23.93
C CYS C 111 4.61 -11.06 24.09
N LEU C 112 3.32 -10.94 24.42
CA LEU C 112 2.54 -12.17 24.40
C LEU C 112 2.53 -12.79 22.99
N GLN C 113 2.56 -11.96 21.95
CA GLN C 113 2.51 -12.52 20.59
C GLN C 113 3.73 -13.38 20.35
N VAL C 114 4.92 -12.80 20.61
CA VAL C 114 6.18 -13.47 20.33
C VAL C 114 6.29 -14.75 21.16
N VAL C 115 5.96 -14.66 22.45
CA VAL C 115 6.17 -15.84 23.29
C VAL C 115 5.19 -16.96 22.94
N ARG C 116 4.03 -16.64 22.35
CA ARG C 116 3.13 -17.71 21.91
C ARG C 116 3.65 -18.39 20.65
N SER C 117 4.46 -17.68 19.84
CA SER C 117 5.01 -18.27 18.62
C SER C 117 6.26 -19.10 18.87
N LEU C 118 6.82 -19.08 20.09
CA LEU C 118 8.06 -19.78 20.43
C LEU C 118 7.87 -20.95 21.39
N VAL C 119 6.85 -20.88 22.21
CA VAL C 119 6.58 -22.01 23.11
C VAL C 119 5.18 -22.54 22.76
N LYS C 120 5.04 -23.86 22.76
CA LYS C 120 3.77 -24.53 22.47
C LYS C 120 2.88 -24.32 23.68
N PRO C 121 1.55 -24.42 23.58
CA PRO C 121 0.68 -24.07 24.69
C PRO C 121 0.78 -24.95 25.94
N GLU C 122 1.33 -26.14 25.80
CA GLU C 122 1.55 -27.07 26.92
C GLU C 122 2.61 -26.49 27.84
N ASN C 123 3.65 -25.86 27.30
CA ASN C 123 4.78 -25.41 28.15
C ASN C 123 4.61 -23.98 28.65
N TYR C 124 3.41 -23.39 28.59
CA TYR C 124 3.30 -22.07 29.18
C TYR C 124 3.64 -22.12 30.66
N ARG C 125 3.11 -23.11 31.37
CA ARG C 125 3.28 -23.21 32.84
C ARG C 125 4.67 -23.68 33.23
N ARG C 126 5.60 -23.83 32.30
CA ARG C 126 6.95 -24.20 32.63
C ARG C 126 7.88 -23.04 32.34
N LEU C 127 7.33 -21.85 32.33
CA LEU C 127 8.11 -20.67 32.05
C LEU C 127 8.28 -19.88 33.31
N ASP C 128 9.41 -19.21 33.44
CA ASP C 128 9.69 -18.48 34.66
C ASP C 128 9.06 -17.12 34.61
N ILE C 129 7.74 -17.10 34.68
CA ILE C 129 7.02 -15.85 34.63
C ILE C 129 5.89 -15.83 35.67
N VAL C 130 5.54 -14.64 36.12
CA VAL C 130 4.45 -14.47 37.13
C VAL C 130 3.21 -15.19 36.59
N ARG C 131 2.38 -15.75 37.47
CA ARG C 131 1.24 -16.60 37.05
C ARG C 131 0.11 -15.83 36.37
N SER C 132 0.03 -14.51 36.53
CA SER C 132 -0.97 -13.73 35.77
C SER C 132 -0.64 -13.90 34.29
N LEU C 133 0.64 -13.89 33.94
CA LEU C 133 1.08 -13.96 32.52
C LEU C 133 0.66 -15.30 31.91
N TYR C 134 0.65 -16.36 32.69
CA TYR C 134 0.19 -17.64 32.13
C TYR C 134 -1.28 -17.53 31.72
N GLU C 135 -2.10 -16.89 32.54
CA GLU C 135 -3.53 -16.70 32.20
C GLU C 135 -3.63 -15.79 30.97
N ASP C 136 -2.83 -14.74 30.94
CA ASP C 136 -2.80 -13.85 29.76
C ASP C 136 -2.30 -14.65 28.56
N LEU C 137 -1.11 -15.24 28.64
CA LEU C 137 -0.56 -15.96 27.49
C LEU C 137 -1.57 -16.91 26.87
N GLU C 138 -2.33 -17.67 27.67
CA GLU C 138 -3.24 -18.58 26.98
C GLU C 138 -4.56 -17.91 26.60
N ASP C 139 -4.63 -16.58 26.72
CA ASP C 139 -5.77 -15.81 26.23
C ASP C 139 -5.49 -15.40 24.79
N HIS C 140 -5.65 -16.36 23.89
CA HIS C 140 -5.34 -16.14 22.47
C HIS C 140 -6.37 -15.22 21.82
N PRO C 141 -5.92 -14.36 20.92
CA PRO C 141 -6.90 -13.53 20.26
C PRO C 141 -7.96 -14.40 19.64
N ASN C 142 -9.21 -14.05 19.83
CA ASN C 142 -10.32 -14.86 19.34
C ASN C 142 -11.24 -13.87 18.68
N VAL C 143 -11.72 -14.18 17.47
CA VAL C 143 -12.43 -13.06 16.87
C VAL C 143 -13.83 -12.97 17.43
N GLN C 144 -14.37 -14.08 17.91
CA GLN C 144 -15.74 -14.00 18.45
C GLN C 144 -15.77 -13.07 19.63
N LYS C 145 -14.67 -12.94 20.34
CA LYS C 145 -14.78 -12.06 21.52
C LYS C 145 -14.54 -10.62 21.13
N ASP C 146 -13.98 -10.35 19.96
CA ASP C 146 -13.72 -8.95 19.56
C ASP C 146 -14.96 -8.38 18.89
N LEU C 147 -15.88 -9.23 18.52
CA LEU C 147 -17.14 -8.77 17.94
C LEU C 147 -17.98 -8.32 19.13
N GLU C 148 -18.02 -9.14 20.17
CA GLU C 148 -18.77 -8.83 21.40
C GLU C 148 -18.33 -7.44 21.86
N ARG C 149 -17.05 -7.23 22.03
CA ARG C 149 -16.61 -5.89 22.41
C ARG C 149 -16.96 -4.88 21.31
N LEU C 150 -16.78 -5.20 20.03
CA LEU C 150 -16.99 -4.14 19.04
C LEU C 150 -18.44 -3.72 18.99
N THR C 151 -19.35 -4.68 19.10
CA THR C 151 -20.79 -4.38 19.06
C THR C 151 -21.11 -3.41 20.18
N GLN C 152 -20.64 -3.68 21.39
CA GLN C 152 -20.88 -2.81 22.56
C GLN C 152 -20.31 -1.42 22.39
N GLU C 153 -19.30 -1.26 21.54
CA GLU C 153 -18.69 0.04 21.31
C GLU C 153 -19.49 0.84 20.30
N ARG C 154 -20.50 0.22 19.71
CA ARG C 154 -21.37 0.95 18.81
C ARG C 154 -22.33 1.72 19.68
N ILE C 155 -21.99 1.85 20.95
CA ILE C 155 -22.83 2.60 21.87
C ILE C 155 -23.13 3.95 21.25
N ALA C 156 -22.15 4.53 20.59
CA ALA C 156 -22.39 5.79 19.90
C ALA C 156 -23.68 5.71 19.09
N MET D 1 6.59 -16.63 -3.65
CA MET D 1 6.33 -15.56 -4.64
C MET D 1 6.92 -15.96 -5.99
N ASP D 2 6.81 -15.10 -6.98
CA ASP D 2 7.36 -15.34 -8.33
C ASP D 2 8.74 -14.72 -8.39
N VAL D 3 9.67 -15.38 -9.06
CA VAL D 3 11.02 -14.89 -9.21
C VAL D 3 11.27 -14.85 -10.70
N PHE D 4 11.84 -13.78 -11.22
CA PHE D 4 11.97 -13.61 -12.64
C PHE D 4 13.42 -13.88 -13.06
N LEU D 5 13.59 -14.54 -14.17
CA LEU D 5 14.90 -15.07 -14.47
C LEU D 5 15.19 -14.94 -15.94
N MET D 6 16.43 -14.70 -16.27
CA MET D 6 16.87 -14.97 -17.61
C MET D 6 17.91 -16.07 -17.53
N ILE D 7 17.78 -17.06 -18.40
CA ILE D 7 18.61 -18.26 -18.38
C ILE D 7 19.50 -18.21 -19.61
N ARG D 8 20.78 -17.90 -19.40
CA ARG D 8 21.67 -17.56 -20.50
C ARG D 8 22.61 -18.70 -20.84
N ARG D 9 22.79 -18.93 -22.12
CA ARG D 9 23.79 -19.90 -22.62
C ARG D 9 24.33 -19.30 -23.91
N HIS D 10 25.63 -19.17 -24.07
CA HIS D 10 26.20 -18.59 -25.30
C HIS D 10 25.61 -17.22 -25.54
N LYS D 11 24.87 -17.10 -26.63
CA LYS D 11 24.26 -15.85 -27.00
C LYS D 11 22.74 -15.99 -26.95
N THR D 12 22.25 -16.88 -26.11
CA THR D 12 20.84 -17.14 -26.04
C THR D 12 20.25 -16.86 -24.66
N THR D 13 19.42 -15.84 -24.56
CA THR D 13 18.82 -15.49 -23.28
C THR D 13 17.35 -15.83 -23.23
N ILE D 14 16.94 -16.67 -22.30
CA ILE D 14 15.55 -17.06 -22.12
C ILE D 14 15.00 -16.24 -20.98
N PHE D 15 14.19 -15.22 -21.28
CA PHE D 15 13.48 -14.58 -20.18
C PHE D 15 12.32 -15.48 -19.78
N THR D 16 12.13 -15.66 -18.48
CA THR D 16 11.01 -16.45 -17.99
C THR D 16 10.87 -16.22 -16.50
N ASP D 17 9.66 -16.44 -16.01
CA ASP D 17 9.23 -16.28 -14.62
C ASP D 17 9.05 -17.66 -14.00
N ALA D 18 9.00 -17.69 -12.68
CA ALA D 18 8.92 -18.97 -11.99
C ALA D 18 8.60 -18.69 -10.53
N LYS D 19 8.05 -19.70 -9.85
CA LYS D 19 7.73 -19.56 -8.42
C LYS D 19 8.97 -19.99 -7.63
N GLU D 20 9.30 -19.29 -6.56
CA GLU D 20 10.45 -19.59 -5.71
C GLU D 20 10.44 -20.99 -5.13
N SER D 21 9.28 -21.54 -4.87
CA SER D 21 9.14 -22.94 -4.39
C SER D 21 9.03 -23.90 -5.56
N SER D 22 9.79 -23.66 -6.60
CA SER D 22 9.85 -24.57 -7.72
C SER D 22 11.20 -25.23 -7.62
N THR D 23 11.43 -26.25 -8.42
CA THR D 23 12.68 -26.98 -8.32
C THR D 23 13.51 -26.79 -9.55
N VAL D 24 14.81 -26.59 -9.36
CA VAL D 24 15.70 -26.41 -10.48
C VAL D 24 15.41 -27.44 -11.54
N PHE D 25 15.06 -28.66 -11.14
CA PHE D 25 14.69 -29.70 -12.14
C PHE D 25 13.44 -29.24 -12.88
N GLU D 26 12.42 -28.82 -12.15
CA GLU D 26 11.26 -28.31 -12.89
C GLU D 26 11.62 -27.10 -13.72
N LEU D 27 12.53 -26.25 -13.21
CA LEU D 27 13.02 -25.18 -14.09
C LEU D 27 13.75 -25.75 -15.28
N LYS D 28 14.36 -26.93 -15.15
CA LYS D 28 15.15 -27.44 -16.30
C LYS D 28 14.20 -27.96 -17.36
N ARG D 29 13.06 -28.50 -16.93
CA ARG D 29 12.04 -29.00 -17.89
C ARG D 29 11.48 -27.83 -18.69
N ILE D 30 11.33 -26.65 -18.09
CA ILE D 30 10.87 -25.50 -18.83
C ILE D 30 11.88 -25.25 -19.93
N VAL D 31 13.17 -25.41 -19.62
CA VAL D 31 14.17 -25.23 -20.67
C VAL D 31 14.03 -26.30 -21.70
N GLU D 32 13.63 -27.50 -21.31
CA GLU D 32 13.41 -28.56 -22.33
C GLU D 32 12.35 -28.05 -23.30
N GLY D 33 11.30 -27.45 -22.76
CA GLY D 33 10.20 -26.95 -23.59
C GLY D 33 10.62 -25.95 -24.63
N ILE D 34 11.71 -25.21 -24.42
CA ILE D 34 12.14 -24.14 -25.34
C ILE D 34 13.38 -24.53 -26.14
N LEU D 35 14.35 -25.20 -25.54
CA LEU D 35 15.55 -25.65 -26.25
C LEU D 35 15.57 -27.15 -26.43
N LYS D 36 14.45 -27.79 -26.10
CA LYS D 36 14.25 -29.23 -26.39
C LYS D 36 15.47 -30.11 -26.11
N ARG D 37 16.29 -29.76 -25.13
CA ARG D 37 17.37 -30.70 -24.74
C ARG D 37 16.98 -31.25 -23.37
N PRO D 38 17.02 -32.58 -23.18
CA PRO D 38 16.52 -33.17 -21.93
C PRO D 38 17.17 -32.66 -20.64
N PRO D 39 16.49 -32.79 -19.48
CA PRO D 39 17.02 -32.33 -18.21
C PRO D 39 18.35 -33.05 -17.91
N ASP D 40 18.51 -34.27 -18.42
CA ASP D 40 19.75 -35.06 -18.22
C ASP D 40 20.89 -34.52 -19.08
N GLU D 41 20.65 -33.48 -19.84
CA GLU D 41 21.71 -32.89 -20.69
C GLU D 41 21.91 -31.41 -20.34
N GLN D 42 21.51 -31.00 -19.14
CA GLN D 42 21.61 -29.56 -18.78
C GLN D 42 22.14 -29.31 -17.36
N ARG D 43 23.04 -28.33 -17.20
CA ARG D 43 23.44 -27.82 -15.90
C ARG D 43 22.94 -26.40 -15.82
N LEU D 44 22.56 -25.96 -14.62
CA LEU D 44 22.21 -24.56 -14.39
C LEU D 44 23.05 -24.05 -13.22
N TYR D 45 23.31 -22.74 -13.23
CA TYR D 45 24.29 -22.18 -12.32
C TYR D 45 23.76 -20.89 -11.71
N LYS D 46 23.90 -20.75 -10.40
CA LYS D 46 23.70 -19.38 -9.89
C LYS D 46 25.11 -18.81 -9.84
N ASP D 47 25.41 -17.76 -10.60
CA ASP D 47 26.79 -17.22 -10.65
C ASP D 47 27.68 -18.38 -11.11
N ASP D 48 28.62 -18.85 -10.32
CA ASP D 48 29.40 -19.99 -10.85
C ASP D 48 29.03 -21.25 -10.07
N GLN D 49 27.99 -21.20 -9.27
CA GLN D 49 27.70 -22.35 -8.42
C GLN D 49 26.72 -23.29 -9.13
N LEU D 50 27.13 -24.53 -9.33
CA LEU D 50 26.27 -25.49 -10.01
C LEU D 50 25.11 -25.89 -9.13
N LEU D 51 23.91 -25.81 -9.67
CA LEU D 51 22.76 -26.07 -8.84
C LEU D 51 22.34 -27.52 -8.91
N ASP D 52 21.73 -28.00 -7.84
CA ASP D 52 21.37 -29.40 -7.77
C ASP D 52 19.92 -29.68 -8.01
N ASP D 53 19.66 -30.56 -8.95
CA ASP D 53 18.29 -30.87 -9.33
C ASP D 53 17.53 -31.43 -8.18
N GLY D 54 16.63 -30.63 -7.63
CA GLY D 54 15.88 -31.07 -6.48
C GLY D 54 15.83 -30.04 -5.40
N LYS D 55 16.56 -28.94 -5.59
CA LYS D 55 16.57 -27.84 -4.59
C LYS D 55 15.65 -26.75 -5.10
N THR D 56 15.03 -25.99 -4.20
CA THR D 56 14.14 -24.89 -4.62
C THR D 56 14.98 -23.68 -5.01
N LEU D 57 14.49 -22.85 -5.92
CA LEU D 57 15.26 -21.68 -6.42
C LEU D 57 15.58 -20.73 -5.27
N GLY D 58 14.73 -20.65 -4.25
CA GLY D 58 15.04 -19.81 -3.08
C GLY D 58 16.24 -20.32 -2.31
N GLU D 59 16.33 -21.63 -2.15
CA GLU D 59 17.51 -22.24 -1.49
C GLU D 59 18.72 -21.96 -2.38
N CYS D 60 18.51 -22.00 -3.68
CA CYS D 60 19.60 -21.67 -4.62
C CYS D 60 19.97 -20.19 -4.44
N GLY D 61 19.03 -19.34 -4.03
CA GLY D 61 19.38 -17.95 -3.74
C GLY D 61 18.58 -16.93 -4.51
N PHE D 62 17.44 -17.32 -5.06
CA PHE D 62 16.65 -16.44 -5.89
C PHE D 62 15.45 -15.97 -5.09
N THR D 63 15.46 -14.71 -4.70
CA THR D 63 14.37 -14.17 -3.92
C THR D 63 13.58 -13.12 -4.69
N SER D 64 12.38 -12.82 -4.22
CA SER D 64 11.53 -11.86 -4.89
C SER D 64 12.12 -10.48 -4.95
N GLN D 65 13.11 -10.24 -4.12
CA GLN D 65 13.76 -8.95 -4.12
C GLN D 65 15.04 -9.02 -4.92
N THR D 66 15.48 -10.21 -5.26
CA THR D 66 16.65 -10.35 -6.10
C THR D 66 16.26 -10.62 -7.54
N ALA D 67 15.11 -11.24 -7.75
CA ALA D 67 14.65 -11.59 -9.09
C ALA D 67 13.44 -10.81 -9.51
N ARG D 68 13.60 -9.50 -9.57
CA ARG D 68 12.50 -8.66 -9.97
C ARG D 68 12.31 -8.64 -11.46
N PRO D 69 11.07 -8.47 -11.90
CA PRO D 69 10.78 -8.50 -13.32
C PRO D 69 11.61 -7.49 -14.07
N GLN D 70 11.79 -6.32 -13.50
CA GLN D 70 12.51 -5.24 -14.20
C GLN D 70 14.02 -5.29 -13.95
N ALA D 71 14.51 -6.38 -13.36
CA ALA D 71 15.93 -6.63 -13.10
C ALA D 71 16.07 -8.12 -12.82
N PRO D 72 15.91 -9.01 -13.83
CA PRO D 72 15.88 -10.44 -13.59
C PRO D 72 17.21 -11.08 -13.18
N ALA D 73 17.11 -12.24 -12.56
CA ALA D 73 18.32 -12.93 -12.09
C ALA D 73 18.83 -13.87 -13.17
N THR D 74 20.13 -13.88 -13.40
CA THR D 74 20.74 -14.77 -14.38
C THR D 74 21.01 -16.17 -13.84
N VAL D 75 20.46 -17.17 -14.50
CA VAL D 75 20.76 -18.57 -14.30
C VAL D 75 21.58 -19.02 -15.51
N GLY D 76 22.85 -19.31 -15.33
CA GLY D 76 23.62 -19.76 -16.47
C GLY D 76 23.29 -21.19 -16.81
N LEU D 77 23.67 -21.62 -18.01
CA LEU D 77 23.19 -22.88 -18.56
C LEU D 77 24.27 -23.53 -19.40
N ALA D 78 24.44 -24.83 -19.25
CA ALA D 78 25.51 -25.54 -19.97
C ALA D 78 24.99 -26.90 -20.40
N PHE D 79 25.08 -27.18 -21.70
CA PHE D 79 24.54 -28.44 -22.23
C PHE D 79 25.67 -29.45 -22.42
N ARG D 80 25.34 -30.73 -22.42
CA ARG D 80 26.37 -31.78 -22.55
C ARG D 80 26.45 -32.32 -23.97
N ASP D 82 27.29 -36.24 -26.03
CA ASP D 82 28.46 -37.13 -25.86
C ASP D 82 28.59 -37.45 -24.36
N ASP D 83 29.78 -37.26 -23.79
CA ASP D 83 30.00 -37.64 -22.37
C ASP D 83 30.49 -36.46 -21.52
N THR D 84 31.05 -35.42 -22.14
CA THR D 84 31.62 -34.33 -21.32
C THR D 84 30.69 -33.11 -21.35
N PHE D 85 30.30 -32.63 -20.17
CA PHE D 85 29.49 -31.40 -20.12
C PHE D 85 30.38 -30.26 -20.59
N GLU D 86 29.89 -29.44 -21.50
CA GLU D 86 30.70 -28.34 -22.07
C GLU D 86 31.00 -27.34 -20.96
N ALA D 87 31.92 -26.43 -21.20
CA ALA D 87 32.19 -25.41 -20.18
C ALA D 87 31.07 -24.39 -20.20
N LEU D 88 30.58 -23.98 -19.05
CA LEU D 88 29.64 -22.88 -18.99
C LEU D 88 30.26 -21.70 -19.70
N CYS D 89 29.56 -21.15 -20.69
CA CYS D 89 30.03 -19.92 -21.32
C CYS D 89 28.82 -19.06 -21.69
N ILE D 90 28.88 -17.78 -21.29
CA ILE D 90 27.76 -16.84 -21.42
C ILE D 90 28.34 -15.60 -22.10
N GLU D 91 28.31 -15.57 -23.42
CA GLU D 91 28.99 -14.49 -24.10
C GLU D 91 28.26 -13.20 -23.73
N PRO D 92 28.98 -12.14 -23.35
CA PRO D 92 28.31 -10.99 -22.71
C PRO D 92 27.48 -10.20 -23.70
N PHE D 93 26.78 -9.18 -23.21
CA PHE D 93 25.94 -8.40 -24.14
C PHE D 93 26.77 -7.26 -24.70
N SER D 94 26.09 -6.33 -25.37
CA SER D 94 26.81 -5.20 -25.99
C SER D 94 27.27 -4.27 -24.87
N SER D 95 27.92 -3.18 -25.24
CA SER D 95 28.32 -2.19 -24.28
C SER D 95 28.01 -0.84 -24.83
N PRO D 96 27.37 0.03 -24.04
CA PRO D 96 26.98 1.38 -24.48
C PRO D 96 28.08 2.39 -24.82
N PRO D 97 27.72 3.52 -25.46
CA PRO D 97 28.69 4.55 -25.74
C PRO D 97 29.10 5.39 -24.54
N GLU D 98 30.06 6.27 -24.72
CA GLU D 98 30.43 7.08 -23.56
C GLU D 98 29.29 8.07 -23.33
N LEU D 99 28.84 8.18 -22.09
CA LEU D 99 27.77 9.13 -21.71
C LEU D 99 27.99 10.47 -22.36
N PRO D 100 27.10 10.99 -23.22
CA PRO D 100 27.27 12.27 -23.89
C PRO D 100 27.52 13.41 -22.91
N ASP D 101 28.40 14.33 -23.21
CA ASP D 101 28.70 15.38 -22.26
C ASP D 101 27.47 16.05 -21.73
N VAL D 102 26.52 16.32 -22.61
CA VAL D 102 25.34 17.05 -22.23
C VAL D 102 24.46 16.28 -21.26
N MET D 103 24.77 15.01 -21.08
CA MET D 103 24.02 14.22 -20.12
C MET D 103 24.78 14.10 -18.83
N LYS D 104 25.94 14.73 -18.74
CA LYS D 104 26.64 14.72 -17.43
C LYS D 104 26.26 16.00 -16.67
N MET E 2 4.12 -20.50 -25.29
CA MET E 2 4.32 -19.92 -26.62
C MET E 2 5.36 -18.80 -26.56
N TYR E 3 6.43 -18.94 -27.33
CA TYR E 3 7.53 -17.99 -27.27
C TYR E 3 8.04 -17.47 -28.61
N VAL E 4 8.74 -16.33 -28.59
CA VAL E 4 9.25 -15.73 -29.80
C VAL E 4 10.72 -15.39 -29.65
N LYS E 5 11.45 -15.35 -30.75
CA LYS E 5 12.88 -15.09 -30.67
C LYS E 5 13.25 -13.78 -31.27
N LEU E 6 13.72 -12.88 -30.45
CA LEU E 6 14.15 -11.61 -30.96
C LEU E 6 15.64 -11.65 -31.16
N ILE E 7 16.10 -11.30 -32.35
CA ILE E 7 17.51 -11.37 -32.69
C ILE E 7 18.05 -9.96 -32.63
N SER E 8 19.33 -9.80 -32.26
CA SER E 8 19.83 -8.42 -32.00
C SER E 8 20.86 -7.91 -33.02
N SER E 9 21.13 -6.59 -32.98
CA SER E 9 22.17 -6.03 -33.83
C SER E 9 23.47 -6.75 -33.69
N ASP E 10 23.63 -7.58 -32.64
CA ASP E 10 24.95 -8.20 -32.38
C ASP E 10 24.90 -9.72 -32.33
N GLY E 11 23.78 -10.33 -32.72
CA GLY E 11 23.74 -11.77 -32.76
C GLY E 11 23.27 -12.44 -31.49
N HIS E 12 22.70 -11.64 -30.61
CA HIS E 12 22.12 -12.19 -29.36
C HIS E 12 20.67 -12.56 -29.64
N GLU E 13 20.28 -13.72 -29.13
CA GLU E 13 18.95 -14.20 -29.38
C GLU E 13 18.17 -14.26 -28.13
N PHE E 14 17.27 -13.31 -27.95
CA PHE E 14 16.43 -13.26 -26.74
C PHE E 14 15.13 -14.05 -26.99
N ILE E 15 14.79 -14.94 -26.08
CA ILE E 15 13.54 -15.70 -26.17
C ILE E 15 12.60 -15.32 -25.07
N VAL E 16 11.62 -14.50 -25.39
CA VAL E 16 10.64 -14.03 -24.42
C VAL E 16 9.27 -14.56 -24.83
N LYS E 17 8.38 -14.70 -23.85
CA LYS E 17 7.02 -15.15 -24.14
C LYS E 17 6.39 -14.29 -25.23
N ARG E 18 5.60 -14.94 -26.10
CA ARG E 18 4.93 -14.22 -27.19
C ARG E 18 4.04 -13.12 -26.63
N GLU E 19 3.17 -13.45 -25.67
CA GLU E 19 2.27 -12.44 -25.09
C GLU E 19 3.05 -11.25 -24.54
N HIS E 20 4.24 -11.49 -23.99
CA HIS E 20 5.10 -10.39 -23.59
C HIS E 20 5.52 -9.56 -24.81
N ALA E 21 6.05 -10.21 -25.83
CA ALA E 21 6.63 -9.44 -26.93
C ALA E 21 5.58 -8.67 -27.72
N LEU E 22 4.34 -9.16 -27.77
CA LEU E 22 3.27 -8.41 -28.44
C LEU E 22 3.01 -7.08 -27.74
N THR E 23 3.68 -6.84 -26.61
CA THR E 23 3.65 -5.52 -25.98
C THR E 23 3.99 -4.43 -26.99
N SER E 24 4.90 -4.73 -27.92
CA SER E 24 5.36 -3.75 -28.90
C SER E 24 4.37 -3.66 -30.06
N GLY E 25 4.03 -2.44 -30.46
CA GLY E 25 3.25 -2.26 -31.68
C GLY E 25 3.97 -2.84 -32.88
N THR E 26 5.20 -2.38 -33.09
CA THR E 26 6.06 -2.91 -34.15
C THR E 26 6.19 -4.42 -34.10
N ILE E 27 6.44 -4.98 -32.92
CA ILE E 27 6.68 -6.42 -32.88
C ILE E 27 5.42 -7.17 -33.29
N LYS E 28 4.24 -6.70 -32.86
CA LYS E 28 3.03 -7.47 -33.17
C LYS E 28 2.73 -7.39 -34.64
N ALA E 29 3.18 -6.30 -35.27
CA ALA E 29 2.94 -6.06 -36.71
C ALA E 29 3.60 -7.17 -37.49
N MET E 30 4.86 -7.43 -37.14
CA MET E 30 5.69 -8.47 -37.76
C MET E 30 5.24 -9.89 -37.39
N LEU E 31 4.36 -10.10 -36.41
CA LEU E 31 3.90 -11.48 -36.13
C LEU E 31 2.40 -11.61 -36.46
N THR E 42 8.20 -17.19 -38.86
CA THR E 42 6.91 -16.77 -38.32
C THR E 42 7.02 -16.46 -36.82
N ASN E 43 8.04 -17.04 -36.19
CA ASN E 43 8.33 -16.94 -34.75
C ASN E 43 9.80 -16.58 -34.56
N GLU E 44 10.20 -15.45 -35.10
CA GLU E 44 11.59 -14.97 -34.99
C GLU E 44 11.59 -13.54 -35.50
N VAL E 45 12.22 -12.61 -34.84
CA VAL E 45 12.29 -11.26 -35.44
C VAL E 45 13.75 -10.87 -35.36
N ASN E 46 14.29 -10.28 -36.39
CA ASN E 46 15.67 -9.81 -36.31
C ASN E 46 15.70 -8.30 -36.33
N PHE E 47 16.50 -7.73 -35.47
CA PHE E 47 16.61 -6.31 -35.48
C PHE E 47 18.06 -6.05 -35.75
N ARG E 48 18.33 -5.12 -36.66
CA ARG E 48 19.71 -4.80 -37.01
C ARG E 48 19.95 -3.35 -36.73
N GLU E 49 19.20 -2.82 -35.78
CA GLU E 49 19.40 -1.46 -35.38
C GLU E 49 19.53 -1.44 -33.90
N ILE E 50 19.04 -2.49 -33.24
CA ILE E 50 18.99 -2.55 -31.76
C ILE E 50 20.05 -3.48 -31.20
N PRO E 51 21.10 -2.94 -30.53
CA PRO E 51 22.13 -3.77 -29.90
C PRO E 51 21.59 -4.58 -28.71
N SER E 52 22.24 -5.71 -28.41
CA SER E 52 21.79 -6.60 -27.32
C SER E 52 21.62 -5.83 -26.01
N HIS E 53 22.50 -4.89 -25.71
CA HIS E 53 22.37 -4.24 -24.38
C HIS E 53 21.00 -3.56 -24.28
N VAL E 54 20.57 -2.86 -25.34
CA VAL E 54 19.21 -2.23 -25.35
C VAL E 54 18.11 -3.28 -25.49
N LEU E 55 18.27 -4.26 -26.38
CA LEU E 55 17.14 -5.21 -26.60
C LEU E 55 16.88 -5.97 -25.30
N SER E 56 17.93 -6.34 -24.57
CA SER E 56 17.72 -7.00 -23.27
C SER E 56 16.82 -6.12 -22.40
N LYS E 57 17.12 -4.83 -22.34
CA LYS E 57 16.37 -3.96 -21.44
C LYS E 57 14.93 -3.88 -21.91
N VAL E 58 14.71 -4.02 -23.21
CA VAL E 58 13.35 -3.93 -23.75
C VAL E 58 12.58 -5.15 -23.27
N CYS E 59 13.20 -6.32 -23.37
CA CYS E 59 12.52 -7.56 -22.96
C CYS E 59 12.18 -7.41 -21.48
N MET E 60 13.07 -6.80 -20.72
CA MET E 60 12.84 -6.66 -19.27
C MET E 60 11.60 -5.80 -19.08
N TYR E 61 11.46 -4.73 -19.84
CA TYR E 61 10.22 -3.97 -19.83
C TYR E 61 9.03 -4.85 -20.13
N PHE E 62 9.14 -5.71 -21.16
CA PHE E 62 7.99 -6.55 -21.50
C PHE E 62 7.53 -7.26 -20.24
N THR E 63 8.39 -8.07 -19.61
CA THR E 63 8.04 -8.75 -18.33
C THR E 63 7.48 -7.79 -17.28
N TYR E 64 7.91 -6.54 -17.25
CA TYR E 64 7.52 -5.58 -16.19
C TYR E 64 6.15 -5.01 -16.47
N LYS E 65 5.88 -4.68 -17.72
CA LYS E 65 4.54 -4.17 -18.11
C LYS E 65 3.57 -5.33 -17.94
N VAL E 66 3.97 -6.49 -18.45
CA VAL E 66 3.02 -7.60 -18.41
C VAL E 66 2.70 -8.01 -16.99
N ARG E 67 3.65 -7.85 -16.09
CA ARG E 67 3.36 -8.27 -14.72
C ARG E 67 2.70 -7.16 -13.91
N TYR E 68 2.99 -5.89 -14.12
CA TYR E 68 2.48 -4.90 -13.20
C TYR E 68 1.27 -4.15 -13.72
N THR E 69 0.93 -4.20 -15.03
CA THR E 69 -0.30 -3.48 -15.44
C THR E 69 -1.55 -4.16 -14.90
N ASN E 70 -2.58 -3.32 -14.66
CA ASN E 70 -3.80 -3.76 -13.99
C ASN E 70 -3.50 -4.48 -12.69
N SER E 71 -2.33 -4.20 -12.09
CA SER E 71 -2.04 -4.64 -10.75
C SER E 71 -2.64 -3.65 -9.77
N SER E 72 -3.32 -4.17 -8.76
CA SER E 72 -4.09 -3.33 -7.87
C SER E 72 -3.27 -2.74 -6.71
N THR E 73 -2.05 -3.20 -6.46
CA THR E 73 -1.25 -2.60 -5.39
C THR E 73 -0.18 -1.70 -6.01
N GLU E 74 0.87 -1.36 -5.25
CA GLU E 74 1.93 -0.48 -5.76
C GLU E 74 2.89 -1.21 -6.72
N ILE E 75 3.50 -0.38 -7.56
CA ILE E 75 4.35 -0.83 -8.69
C ILE E 75 5.70 -0.12 -8.62
N PRO E 76 6.82 -0.86 -8.71
CA PRO E 76 8.15 -0.27 -8.71
C PRO E 76 8.50 0.54 -9.95
N GLU E 77 9.40 1.51 -9.79
CA GLU E 77 9.81 2.30 -10.95
C GLU E 77 10.56 1.42 -11.96
N PHE E 78 10.59 1.84 -13.23
CA PHE E 78 11.41 1.11 -14.25
C PHE E 78 12.77 1.78 -14.35
N PRO E 79 13.84 1.06 -13.98
CA PRO E 79 15.19 1.66 -13.87
C PRO E 79 15.86 1.78 -15.24
N ILE E 80 16.27 3.01 -15.61
CA ILE E 80 17.03 3.31 -16.84
C ILE E 80 18.37 3.89 -16.43
N ALA E 81 19.45 3.10 -16.56
CA ALA E 81 20.78 3.62 -16.33
C ALA E 81 21.09 4.68 -17.37
N PRO E 82 21.81 5.72 -17.02
CA PRO E 82 22.00 6.82 -17.98
C PRO E 82 22.72 6.44 -19.29
N GLU E 83 23.72 5.54 -19.26
CA GLU E 83 24.40 5.22 -20.52
C GLU E 83 23.40 4.74 -21.57
N ILE E 84 22.39 4.06 -21.09
CA ILE E 84 21.38 3.40 -21.95
C ILE E 84 20.22 4.31 -22.25
N ALA E 85 20.07 5.40 -21.55
CA ALA E 85 18.85 6.20 -21.74
C ALA E 85 18.67 6.71 -23.16
N LEU E 86 19.70 7.17 -23.84
CA LEU E 86 19.46 7.70 -25.20
C LEU E 86 19.13 6.56 -26.17
N GLU E 87 19.89 5.48 -26.19
CA GLU E 87 19.59 4.37 -27.11
C GLU E 87 18.18 3.83 -26.82
N LEU E 88 17.88 3.44 -25.59
CA LEU E 88 16.58 2.90 -25.24
C LEU E 88 15.47 3.81 -25.72
N LEU E 89 15.63 5.13 -25.51
CA LEU E 89 14.66 6.10 -26.02
C LEU E 89 14.27 5.76 -27.45
N MET E 90 15.26 5.51 -28.32
CA MET E 90 14.96 5.31 -29.73
C MET E 90 14.27 3.98 -29.97
N ALA E 91 14.81 2.91 -29.38
CA ALA E 91 14.19 1.60 -29.53
C ALA E 91 12.77 1.58 -28.96
N ALA E 92 12.50 2.41 -27.97
CA ALA E 92 11.11 2.53 -27.55
C ALA E 92 10.29 3.15 -28.68
N ASN E 93 10.76 4.29 -29.19
CA ASN E 93 10.13 4.98 -30.29
C ASN E 93 9.85 4.04 -31.44
N PHE E 94 10.88 3.41 -31.98
CA PHE E 94 10.72 2.52 -33.12
C PHE E 94 9.78 1.38 -32.88
N LEU E 95 9.89 0.79 -31.72
CA LEU E 95 9.06 -0.40 -31.48
C LEU E 95 7.64 -0.03 -31.10
N ASP E 96 7.30 1.23 -30.94
CA ASP E 96 5.94 1.62 -30.51
C ASP E 96 5.50 0.87 -29.26
N CYS E 97 6.26 1.06 -28.20
CA CYS E 97 5.93 0.52 -26.88
C CYS E 97 6.40 1.52 -25.83
N ARG F 9 -20.27 24.91 -17.89
CA ARG F 9 -19.94 23.98 -16.82
C ARG F 9 -19.09 22.82 -17.36
N PRO F 10 -17.79 22.82 -17.07
CA PRO F 10 -16.94 21.76 -17.60
C PRO F 10 -17.37 20.45 -16.98
N VAL F 11 -17.15 19.34 -17.68
CA VAL F 11 -17.66 18.08 -17.15
C VAL F 11 -16.81 17.62 -15.96
N LEU F 12 -15.47 17.67 -16.10
CA LEU F 12 -14.59 17.33 -14.97
C LEU F 12 -14.60 18.46 -13.95
N ARG F 13 -15.44 18.33 -12.94
CA ARG F 13 -15.73 19.42 -12.02
C ARG F 13 -16.09 18.81 -10.68
N SER F 14 -15.66 19.39 -9.59
CA SER F 14 -16.06 18.85 -8.35
C SER F 14 -17.47 19.32 -8.10
N VAL F 15 -18.14 18.66 -7.20
CA VAL F 15 -19.52 19.00 -6.94
C VAL F 15 -19.69 19.64 -5.57
N ASN F 16 -20.36 20.78 -5.53
CA ASN F 16 -20.53 21.47 -4.27
C ASN F 16 -21.56 20.77 -3.45
N SER F 17 -21.12 19.72 -2.76
CA SER F 17 -22.00 18.90 -1.91
C SER F 17 -22.08 19.51 -0.52
N ARG F 18 -21.01 20.17 -0.07
CA ARG F 18 -20.96 20.81 1.27
C ARG F 18 -21.05 19.71 2.32
N GLU F 19 -20.92 18.45 1.89
CA GLU F 19 -21.01 17.32 2.84
C GLU F 19 -19.63 16.74 3.01
N PRO F 20 -19.08 16.79 4.22
CA PRO F 20 -17.73 16.33 4.44
C PRO F 20 -17.40 14.86 4.17
N SER F 21 -16.22 14.59 3.60
CA SER F 21 -15.73 13.21 3.40
C SER F 21 -14.24 13.16 3.82
N GLN F 22 -13.90 12.41 4.86
CA GLN F 22 -12.50 12.41 5.21
C GLN F 22 -11.79 11.35 4.41
N VAL F 23 -10.66 11.70 3.82
CA VAL F 23 -9.95 10.77 2.96
C VAL F 23 -8.50 10.64 3.36
N ILE F 24 -7.96 9.45 3.24
CA ILE F 24 -6.56 9.27 3.50
C ILE F 24 -5.84 9.43 2.18
N PHE F 25 -4.71 10.11 2.18
CA PHE F 25 -3.91 10.31 0.97
C PHE F 25 -2.64 9.54 1.26
N CYS F 26 -2.28 8.55 0.47
CA CYS F 26 -1.12 7.70 0.80
C CYS F 26 -0.22 7.58 -0.42
N ASN F 27 0.90 8.31 -0.40
CA ASN F 27 1.94 8.23 -1.42
C ASN F 27 2.64 6.89 -1.41
N ARG F 28 2.31 5.98 -2.33
CA ARG F 28 3.01 4.70 -2.45
C ARG F 28 3.83 4.62 -3.74
N SER F 29 4.40 5.76 -4.08
CA SER F 29 5.28 5.93 -5.23
C SER F 29 6.64 6.41 -4.74
N PRO F 30 7.63 6.42 -5.62
CA PRO F 30 8.91 7.04 -5.36
C PRO F 30 8.88 8.55 -5.60
N ARG F 31 7.81 9.08 -6.16
CA ARG F 31 7.74 10.49 -6.53
C ARG F 31 7.11 11.37 -5.48
N VAL F 32 7.59 12.59 -5.35
CA VAL F 32 6.94 13.59 -4.49
C VAL F 32 5.57 13.90 -5.08
N VAL F 33 4.54 13.59 -4.39
CA VAL F 33 3.23 13.70 -5.03
C VAL F 33 2.69 15.14 -4.93
N LEU F 34 1.86 15.53 -5.89
CA LEU F 34 1.13 16.80 -5.81
C LEU F 34 -0.37 16.55 -6.04
N PRO F 35 -1.15 16.49 -4.98
CA PRO F 35 -2.62 16.44 -5.13
C PRO F 35 -3.13 17.63 -5.90
N VAL F 36 -3.96 17.40 -6.93
CA VAL F 36 -4.61 18.48 -7.71
C VAL F 36 -6.12 18.31 -7.60
N TRP F 37 -6.80 19.33 -7.12
CA TRP F 37 -8.27 19.27 -6.94
C TRP F 37 -8.98 20.10 -7.99
N LEU F 38 -9.60 19.47 -8.96
CA LEU F 38 -10.48 20.17 -9.91
C LEU F 38 -11.64 20.88 -9.18
N ASN F 39 -11.73 22.20 -9.32
CA ASN F 39 -12.64 22.99 -8.50
C ASN F 39 -14.02 22.99 -9.14
N PHE F 40 -14.94 23.73 -8.56
CA PHE F 40 -16.32 23.69 -9.02
C PHE F 40 -16.52 24.18 -10.44
N ASP F 41 -15.45 24.63 -11.06
CA ASP F 41 -15.51 25.07 -12.46
C ASP F 41 -14.55 24.23 -13.29
N GLY F 42 -14.03 23.16 -12.74
CA GLY F 42 -13.14 22.32 -13.50
C GLY F 42 -11.77 22.89 -13.72
N GLU F 43 -11.32 23.76 -12.84
CA GLU F 43 -9.97 24.25 -12.97
C GLU F 43 -9.11 23.67 -11.87
N PRO F 44 -7.94 23.17 -12.25
CA PRO F 44 -7.03 22.55 -11.28
C PRO F 44 -6.61 23.42 -10.09
N GLN F 45 -6.28 22.82 -8.94
CA GLN F 45 -5.78 23.65 -7.82
C GLN F 45 -4.72 22.87 -7.09
N PRO F 46 -3.44 23.26 -7.06
CA PRO F 46 -2.45 22.48 -6.38
C PRO F 46 -2.64 22.53 -4.88
N TYR F 47 -2.30 21.44 -4.24
CA TYR F 47 -2.38 21.29 -2.78
C TYR F 47 -1.00 20.87 -2.26
N PRO F 48 -0.75 20.92 -0.95
CA PRO F 48 0.54 20.60 -0.42
C PRO F 48 1.09 19.24 -0.86
N THR F 49 2.39 19.10 -1.06
CA THR F 49 2.91 17.82 -1.55
C THR F 49 2.99 16.80 -0.42
N LEU F 50 3.41 15.54 -0.79
CA LEU F 50 3.53 14.41 0.12
C LEU F 50 4.78 13.62 -0.29
N PRO F 51 5.81 13.60 0.54
CA PRO F 51 7.03 12.87 0.19
C PRO F 51 6.75 11.39 0.08
N PRO F 52 7.62 10.64 -0.59
CA PRO F 52 7.40 9.20 -0.83
C PRO F 52 7.24 8.36 0.44
N GLY F 53 6.16 7.53 0.44
CA GLY F 53 5.74 6.76 1.60
C GLY F 53 4.82 7.48 2.58
N THR F 54 4.85 8.81 2.65
CA THR F 54 4.07 9.43 3.70
C THR F 54 2.57 9.33 3.42
N GLY F 55 1.76 9.30 4.49
CA GLY F 55 0.32 9.26 4.35
C GLY F 55 -0.32 10.27 5.28
N ARG F 56 -1.43 10.85 4.83
CA ARG F 56 -2.04 11.95 5.54
C ARG F 56 -3.54 11.95 5.43
N ARG F 57 -4.21 12.42 6.45
CA ARG F 57 -5.65 12.45 6.44
C ARG F 57 -6.16 13.78 5.97
N ILE F 58 -6.90 13.80 4.87
CA ILE F 58 -7.38 15.05 4.32
C ILE F 58 -8.85 15.25 4.53
N HIS F 59 -9.25 16.49 4.76
CA HIS F 59 -10.65 16.79 4.86
C HIS F 59 -11.06 17.17 3.50
N SER F 60 -12.13 16.61 2.99
CA SER F 60 -12.62 16.92 1.63
C SER F 60 -14.12 16.72 1.64
N TYR F 61 -14.76 16.89 0.52
CA TYR F 61 -16.23 16.79 0.51
C TYR F 61 -16.67 15.77 -0.52
N ARG F 62 -17.85 15.22 -0.30
CA ARG F 62 -18.43 14.21 -1.20
C ARG F 62 -18.55 14.79 -2.59
N GLY F 63 -18.13 14.01 -3.56
CA GLY F 63 -18.26 14.44 -4.91
C GLY F 63 -17.07 15.18 -5.46
N HIS F 64 -16.14 15.58 -4.63
CA HIS F 64 -15.03 16.33 -5.17
C HIS F 64 -13.99 15.48 -5.91
N LEU F 65 -13.62 15.91 -7.09
CA LEU F 65 -12.64 15.21 -7.89
C LEU F 65 -11.23 15.52 -7.45
N TRP F 66 -10.27 14.71 -7.88
CA TRP F 66 -8.89 14.86 -7.47
C TRP F 66 -7.99 14.12 -8.41
N LEU F 67 -6.83 14.67 -8.71
CA LEU F 67 -5.89 13.98 -9.54
C LEU F 67 -4.55 14.17 -8.90
N PHE F 68 -3.59 13.33 -9.22
CA PHE F 68 -2.32 13.37 -8.54
C PHE F 68 -1.10 13.34 -9.46
N ARG F 69 -0.20 14.31 -9.30
CA ARG F 69 0.94 14.38 -10.22
C ARG F 69 2.26 14.38 -9.46
N ASP F 70 3.29 13.93 -10.18
CA ASP F 70 4.65 14.10 -9.75
C ASP F 70 4.94 15.58 -9.55
N ALA F 71 5.60 15.92 -8.45
CA ALA F 71 5.66 17.34 -8.09
C ALA F 71 6.61 18.11 -8.96
N GLY F 72 7.67 17.48 -9.44
CA GLY F 72 8.69 18.25 -10.12
C GLY F 72 8.56 18.16 -11.63
N THR F 73 7.94 17.10 -12.13
CA THR F 73 7.83 16.92 -13.57
C THR F 73 6.40 16.87 -14.09
N HIS F 74 5.43 16.94 -13.19
CA HIS F 74 3.99 16.87 -13.52
C HIS F 74 3.62 15.59 -14.27
N ASP F 75 4.50 14.61 -14.26
CA ASP F 75 4.21 13.28 -14.85
C ASP F 75 2.97 12.70 -14.15
N GLY F 76 2.14 11.97 -14.86
CA GLY F 76 0.94 11.40 -14.28
C GLY F 76 1.14 10.31 -13.24
N LEU F 77 0.18 10.18 -12.34
CA LEU F 77 0.21 9.13 -11.29
C LEU F 77 -1.20 8.55 -11.18
N LEU F 78 -1.34 7.37 -10.59
CA LEU F 78 -2.64 6.67 -10.48
C LEU F 78 -3.09 6.66 -9.03
N VAL F 79 -4.39 6.51 -8.80
CA VAL F 79 -4.96 6.55 -7.46
C VAL F 79 -6.07 5.51 -7.37
N ASN F 80 -5.88 4.48 -6.51
CA ASN F 80 -6.83 3.38 -6.48
C ASN F 80 -7.06 2.79 -7.89
N GLN F 81 -5.98 2.63 -8.67
CA GLN F 81 -5.93 1.99 -9.99
C GLN F 81 -6.52 2.88 -11.11
N THR F 82 -7.21 4.00 -10.80
CA THR F 82 -7.85 4.89 -11.78
C THR F 82 -6.97 6.08 -12.10
N GLU F 83 -7.49 7.03 -12.90
CA GLU F 83 -6.78 8.29 -13.04
C GLU F 83 -7.39 9.41 -12.22
N LEU F 84 -8.59 9.17 -11.70
CA LEU F 84 -9.31 10.21 -10.94
C LEU F 84 -9.88 9.65 -9.66
N PHE F 85 -10.27 10.51 -8.75
CA PHE F 85 -10.69 10.07 -7.45
C PHE F 85 -11.93 10.84 -7.02
N VAL F 86 -12.92 10.12 -6.55
CA VAL F 86 -14.12 10.81 -6.02
C VAL F 86 -14.49 10.04 -4.77
N PRO F 87 -14.29 10.70 -3.62
CA PRO F 87 -14.56 10.03 -2.38
C PRO F 87 -15.96 9.43 -2.32
N SER F 88 -16.02 8.14 -2.06
CA SER F 88 -17.28 7.43 -2.00
C SER F 88 -17.93 7.75 -0.70
N LEU F 89 -19.14 7.29 -0.51
CA LEU F 89 -19.88 7.63 0.69
C LEU F 89 -19.24 7.10 1.97
N ASN F 90 -18.78 8.00 2.82
CA ASN F 90 -18.15 7.60 4.06
C ASN F 90 -19.13 6.80 4.88
N VAL F 91 -18.66 5.74 5.51
CA VAL F 91 -19.54 4.89 6.33
C VAL F 91 -19.15 4.85 7.81
N ASP F 92 -20.04 5.31 8.69
CA ASP F 92 -19.78 5.31 10.14
C ASP F 92 -18.56 6.14 10.51
N GLY F 93 -18.21 7.14 9.70
CA GLY F 93 -17.02 7.95 9.95
C GLY F 93 -15.70 7.33 9.53
N GLN F 94 -15.69 6.06 9.08
CA GLN F 94 -14.53 5.49 8.43
C GLN F 94 -13.97 6.46 7.39
N PRO F 95 -12.64 6.50 7.28
CA PRO F 95 -12.09 7.30 6.20
C PRO F 95 -12.12 6.58 4.86
N ILE F 96 -12.04 7.31 3.74
CA ILE F 96 -11.95 6.72 2.41
C ILE F 96 -10.49 6.72 2.10
N PHE F 97 -9.98 5.71 1.42
CA PHE F 97 -8.54 5.60 1.27
C PHE F 97 -8.13 5.70 -0.19
N ALA F 98 -7.00 6.38 -0.45
CA ALA F 98 -6.64 6.77 -1.81
C ALA F 98 -5.16 6.40 -2.01
N ASN F 99 -4.94 5.22 -2.58
CA ASN F 99 -3.59 4.72 -2.80
C ASN F 99 -3.03 5.36 -4.04
N ILE F 100 -1.92 6.07 -3.94
CA ILE F 100 -1.32 6.72 -5.09
C ILE F 100 -0.11 5.91 -5.49
N THR F 101 0.04 5.70 -6.79
CA THR F 101 1.10 4.80 -7.27
C THR F 101 1.59 5.26 -8.62
N LEU F 102 2.66 4.66 -9.10
CA LEU F 102 3.18 4.96 -10.44
C LEU F 102 2.31 4.21 -11.42
N PRO F 103 2.02 4.71 -12.63
CA PRO F 103 1.31 3.91 -13.57
C PRO F 103 2.37 3.06 -14.27
N VAL F 104 1.94 2.15 -15.13
CA VAL F 104 2.98 1.45 -15.93
C VAL F 104 3.15 2.31 -17.17
N TYR F 105 4.17 3.16 -17.18
CA TYR F 105 4.41 4.10 -18.29
C TYR F 105 4.90 3.31 -19.48
N THR F 106 4.76 3.89 -20.67
CA THR F 106 5.31 3.22 -21.86
C THR F 106 6.83 3.36 -21.79
N LEU F 107 7.55 2.36 -22.25
CA LEU F 107 9.02 2.43 -22.29
C LEU F 107 9.48 3.71 -22.90
N LYS F 108 8.82 4.15 -23.97
CA LYS F 108 9.17 5.45 -24.52
C LYS F 108 8.89 6.56 -23.51
N GLU F 109 7.69 6.59 -22.93
CA GLU F 109 7.40 7.71 -22.03
C GLU F 109 8.27 7.65 -20.81
N ARG F 110 8.63 6.46 -20.37
CA ARG F 110 9.65 6.35 -19.34
C ARG F 110 10.93 7.03 -19.80
N CYS F 111 11.49 6.57 -20.94
CA CYS F 111 12.78 7.10 -21.40
C CYS F 111 12.74 8.62 -21.53
N LEU F 112 11.69 9.16 -22.15
CA LEU F 112 11.59 10.62 -22.21
C LEU F 112 11.65 11.22 -20.80
N GLN F 113 11.01 10.60 -19.81
CA GLN F 113 11.10 11.08 -18.44
C GLN F 113 12.54 11.08 -17.94
N VAL F 114 13.29 9.99 -18.20
CA VAL F 114 14.66 9.82 -17.67
C VAL F 114 15.60 10.88 -18.26
N VAL F 115 15.60 11.07 -19.59
CA VAL F 115 16.58 12.05 -20.09
C VAL F 115 16.05 13.48 -19.89
N ARG F 116 14.72 13.70 -19.90
CA ARG F 116 14.26 15.00 -19.43
C ARG F 116 14.87 15.33 -18.08
N SER F 117 15.06 14.30 -17.24
CA SER F 117 15.71 14.44 -15.92
C SER F 117 17.22 14.57 -16.00
N LEU F 118 17.83 14.43 -17.18
CA LEU F 118 19.28 14.37 -17.29
C LEU F 118 19.89 15.54 -18.08
N VAL F 119 19.11 16.20 -18.93
CA VAL F 119 19.63 17.33 -19.72
C VAL F 119 18.64 18.47 -19.57
N LYS F 120 19.11 19.70 -19.64
CA LYS F 120 18.21 20.85 -19.49
C LYS F 120 17.43 21.04 -20.79
N PRO F 121 16.31 21.77 -20.76
CA PRO F 121 15.54 22.06 -21.95
C PRO F 121 16.40 22.74 -23.02
N GLU F 122 17.29 23.65 -22.62
CA GLU F 122 18.30 24.29 -23.48
C GLU F 122 19.10 23.29 -24.30
N ASN F 123 19.30 22.07 -23.82
CA ASN F 123 20.19 21.15 -24.55
C ASN F 123 19.46 19.94 -25.11
N TYR F 124 18.13 19.97 -25.16
CA TYR F 124 17.40 18.83 -25.77
C TYR F 124 17.84 18.70 -27.22
N ARG F 125 18.01 19.82 -27.90
CA ARG F 125 18.38 19.82 -29.32
C ARG F 125 19.85 19.54 -29.66
N ARG F 126 20.69 19.34 -28.66
CA ARG F 126 22.07 19.02 -28.92
C ARG F 126 22.30 17.53 -28.76
N LEU F 127 21.21 16.77 -28.69
CA LEU F 127 21.31 15.35 -28.51
C LEU F 127 21.26 14.70 -29.84
N ASP F 128 21.76 13.49 -29.97
CA ASP F 128 21.83 12.81 -31.26
C ASP F 128 20.63 11.89 -31.42
N ILE F 129 19.46 12.48 -31.57
CA ILE F 129 18.27 11.63 -31.81
C ILE F 129 17.59 12.07 -33.09
N VAL F 130 16.48 11.46 -33.43
CA VAL F 130 15.68 11.79 -34.64
C VAL F 130 14.97 13.11 -34.39
N ARG F 131 14.60 13.85 -35.41
CA ARG F 131 13.91 15.11 -35.09
C ARG F 131 12.60 14.91 -34.33
N SER F 132 11.89 13.79 -34.49
CA SER F 132 10.63 13.67 -33.78
C SER F 132 10.84 13.52 -32.29
N LEU F 133 11.98 12.95 -31.87
CA LEU F 133 12.20 12.79 -30.43
C LEU F 133 12.52 14.11 -29.75
N TYR F 134 13.11 15.08 -30.46
CA TYR F 134 13.19 16.42 -29.88
C TYR F 134 11.81 16.91 -29.46
N GLU F 135 10.85 16.90 -30.39
CA GLU F 135 9.52 17.45 -30.08
C GLU F 135 8.86 16.68 -28.96
N ASP F 136 8.88 15.35 -29.03
CA ASP F 136 8.45 14.53 -27.90
C ASP F 136 9.10 15.01 -26.60
N LEU F 137 10.43 15.11 -26.61
CA LEU F 137 11.18 15.42 -25.40
C LEU F 137 10.68 16.70 -24.76
N GLU F 138 10.42 17.74 -25.56
CA GLU F 138 9.95 19.01 -24.99
C GLU F 138 8.45 19.09 -24.92
N ASP F 139 7.74 18.01 -25.27
CA ASP F 139 6.30 17.86 -25.03
C ASP F 139 6.00 17.50 -23.56
N HIS F 140 6.47 18.37 -22.63
CA HIS F 140 6.45 18.07 -21.19
C HIS F 140 5.02 17.83 -20.69
N PRO F 141 4.87 17.11 -19.58
CA PRO F 141 3.53 16.82 -19.05
C PRO F 141 2.76 18.06 -18.67
N ASN F 142 1.47 18.02 -18.94
CA ASN F 142 0.61 19.21 -18.76
C ASN F 142 -0.69 18.77 -18.13
N VAL F 143 -1.11 19.33 -17.02
CA VAL F 143 -2.32 18.84 -16.38
C VAL F 143 -3.59 19.22 -17.16
N GLN F 144 -3.68 20.47 -17.59
CA GLN F 144 -4.87 20.91 -18.30
C GLN F 144 -4.97 20.10 -19.55
N LYS F 145 -3.84 19.77 -20.13
CA LYS F 145 -3.84 18.95 -21.30
C LYS F 145 -4.56 17.66 -21.03
N ASP F 146 -4.07 16.91 -20.06
CA ASP F 146 -4.64 15.62 -19.80
C ASP F 146 -6.11 15.74 -19.51
N LEU F 147 -6.50 16.85 -18.94
CA LEU F 147 -7.89 17.03 -18.58
C LEU F 147 -8.76 17.01 -19.82
N GLU F 148 -8.25 17.52 -20.93
CA GLU F 148 -9.02 17.45 -22.17
C GLU F 148 -9.15 16.00 -22.61
N ARG F 149 -8.08 15.25 -22.52
CA ARG F 149 -8.17 13.85 -22.89
C ARG F 149 -9.13 13.18 -21.97
N LEU F 150 -9.21 13.62 -20.73
CA LEU F 150 -10.16 12.88 -19.86
C LEU F 150 -11.55 13.43 -20.13
N THR F 151 -11.67 14.73 -20.35
CA THR F 151 -12.99 15.34 -20.59
C THR F 151 -13.66 14.64 -21.77
N GLN F 152 -12.94 14.41 -22.86
CA GLN F 152 -13.49 13.76 -24.08
C GLN F 152 -13.48 12.25 -23.94
N GLU F 153 -12.92 11.71 -22.90
CA GLU F 153 -12.94 10.27 -22.77
C GLU F 153 -13.92 9.90 -21.70
N ARG F 154 -14.76 10.82 -21.32
CA ARG F 154 -15.78 10.50 -20.36
C ARG F 154 -17.10 10.56 -21.06
N ILE F 155 -17.06 10.35 -22.37
CA ILE F 155 -18.31 10.29 -23.09
C ILE F 155 -18.71 8.82 -23.15
N ALA F 156 -19.87 8.49 -22.59
CA ALA F 156 -20.33 7.11 -22.49
C ALA F 156 -21.77 7.07 -22.01
N GLU G 4 -10.95 -40.24 -13.51
CA GLU G 4 -12.17 -39.66 -12.96
C GLU G 4 -12.10 -38.16 -12.73
N TYR G 5 -12.47 -37.38 -13.72
CA TYR G 5 -12.52 -35.94 -13.57
C TYR G 5 -13.95 -35.51 -13.35
N LYS G 6 -14.16 -34.52 -12.49
CA LYS G 6 -15.54 -34.06 -12.16
C LYS G 6 -15.76 -32.65 -12.72
N LEU G 7 -16.60 -32.53 -13.75
CA LEU G 7 -16.82 -31.23 -14.36
C LEU G 7 -18.10 -30.58 -13.89
N VAL G 8 -18.28 -29.30 -14.18
CA VAL G 8 -19.45 -28.57 -13.70
C VAL G 8 -19.81 -27.50 -14.72
N VAL G 9 -21.07 -27.44 -15.14
CA VAL G 9 -21.51 -26.52 -16.19
C VAL G 9 -22.50 -25.51 -15.63
N VAL G 10 -22.17 -24.23 -15.72
CA VAL G 10 -22.93 -23.15 -15.11
C VAL G 10 -23.01 -21.99 -16.10
N GLY G 11 -23.93 -21.07 -15.85
CA GLY G 11 -24.16 -19.94 -16.74
C GLY G 11 -25.65 -19.65 -16.60
N ALA G 12 -26.06 -18.43 -16.91
CA ALA G 12 -27.45 -18.06 -16.71
C ALA G 12 -28.40 -18.87 -17.55
N VAL G 13 -29.61 -19.05 -17.05
CA VAL G 13 -30.61 -19.91 -17.76
C VAL G 13 -30.83 -19.41 -19.19
N GLY G 14 -30.74 -20.30 -20.17
CA GLY G 14 -30.91 -19.91 -21.56
C GLY G 14 -29.70 -20.01 -22.46
N VAL G 15 -28.52 -20.05 -21.88
CA VAL G 15 -27.29 -20.08 -22.67
C VAL G 15 -27.14 -21.42 -23.33
N GLY G 16 -27.63 -22.46 -22.68
CA GLY G 16 -27.56 -23.78 -23.26
C GLY G 16 -26.66 -24.73 -22.52
N LYS G 17 -26.73 -24.68 -21.21
CA LYS G 17 -25.87 -25.57 -20.39
C LYS G 17 -26.39 -27.00 -20.58
N SER G 18 -27.69 -27.13 -20.73
CA SER G 18 -28.22 -28.48 -20.94
C SER G 18 -27.98 -28.84 -22.40
N ALA G 19 -28.05 -27.86 -23.29
CA ALA G 19 -27.86 -28.21 -24.71
C ALA G 19 -26.44 -28.76 -24.95
N LEU G 20 -25.41 -28.05 -24.53
CA LEU G 20 -24.04 -28.48 -24.79
C LEU G 20 -23.68 -29.79 -24.09
N THR G 21 -24.26 -30.05 -22.92
CA THR G 21 -23.92 -31.26 -22.17
C THR G 21 -24.47 -32.52 -22.84
N ILE G 22 -25.72 -32.48 -23.26
CA ILE G 22 -26.34 -33.63 -23.91
C ILE G 22 -25.62 -33.98 -25.20
N GLN G 23 -25.21 -32.97 -25.95
CA GLN G 23 -24.47 -33.22 -27.16
C GLN G 23 -23.18 -33.94 -26.82
N LEU G 24 -22.54 -33.51 -25.76
CA LEU G 24 -21.28 -34.13 -25.37
C LEU G 24 -21.52 -35.60 -25.09
N ILE G 25 -22.57 -35.92 -24.33
CA ILE G 25 -22.81 -37.31 -23.97
C ILE G 25 -23.66 -38.04 -24.99
N GLN G 26 -24.96 -37.76 -25.01
CA GLN G 26 -25.86 -38.44 -25.94
C GLN G 26 -25.54 -38.14 -27.38
N ASN G 27 -24.74 -37.11 -27.63
CA ASN G 27 -24.31 -36.77 -29.01
C ASN G 27 -25.32 -36.17 -29.98
N HIS G 28 -26.42 -35.62 -29.46
CA HIS G 28 -27.38 -34.93 -30.34
C HIS G 28 -27.62 -33.51 -29.85
N PHE G 29 -28.74 -32.89 -30.24
CA PHE G 29 -29.05 -31.55 -29.75
C PHE G 29 -30.50 -31.28 -29.40
N VAL G 30 -30.89 -31.57 -28.17
CA VAL G 30 -32.27 -31.34 -27.75
C VAL G 30 -32.60 -29.88 -27.93
N ASP G 31 -33.70 -29.59 -28.62
CA ASP G 31 -34.04 -28.19 -28.92
C ASP G 31 -34.84 -27.55 -27.82
N GLU G 32 -35.23 -28.31 -26.81
CA GLU G 32 -35.91 -27.64 -25.69
C GLU G 32 -35.74 -28.43 -24.41
N TYR G 33 -34.51 -28.68 -23.97
CA TYR G 33 -34.38 -29.41 -22.70
C TYR G 33 -34.93 -28.52 -21.60
N ASP G 34 -35.64 -29.11 -20.67
CA ASP G 34 -36.21 -28.39 -19.51
C ASP G 34 -35.13 -27.56 -18.82
N PRO G 35 -35.42 -26.28 -18.47
CA PRO G 35 -34.48 -25.41 -17.80
C PRO G 35 -34.48 -25.59 -16.28
N THR G 36 -35.33 -26.46 -15.75
CA THR G 36 -35.47 -26.78 -14.33
C THR G 36 -34.65 -27.98 -13.88
N ILE G 37 -34.42 -28.93 -14.75
CA ILE G 37 -33.80 -30.18 -14.32
C ILE G 37 -32.29 -30.01 -14.26
N GLU G 38 -31.71 -30.51 -13.18
CA GLU G 38 -30.27 -30.58 -13.02
C GLU G 38 -29.86 -32.03 -12.84
N ASP G 39 -28.87 -32.48 -13.60
CA ASP G 39 -28.39 -33.85 -13.47
C ASP G 39 -26.91 -33.96 -13.84
N SER G 40 -26.27 -35.00 -13.29
CA SER G 40 -24.89 -35.31 -13.58
C SER G 40 -24.81 -36.57 -14.45
N TYR G 41 -24.01 -36.48 -15.51
CA TYR G 41 -23.86 -37.59 -16.43
C TYR G 41 -22.46 -38.09 -16.32
N ARG G 42 -22.31 -39.40 -16.27
CA ARG G 42 -20.99 -40.00 -16.23
C ARG G 42 -20.62 -40.63 -17.54
N LYS G 43 -19.58 -40.13 -18.17
CA LYS G 43 -19.14 -40.69 -19.43
C LYS G 43 -17.71 -41.17 -19.33
N GLN G 44 -17.30 -42.03 -20.25
CA GLN G 44 -15.94 -42.55 -20.25
C GLN G 44 -15.31 -42.27 -21.62
N VAL G 45 -14.17 -41.60 -21.65
CA VAL G 45 -13.52 -41.24 -22.92
C VAL G 45 -11.99 -41.22 -22.79
N VAL G 46 -11.23 -41.33 -23.89
CA VAL G 46 -9.76 -41.37 -23.75
C VAL G 46 -9.31 -39.98 -24.19
N ILE G 47 -9.11 -39.12 -23.21
CA ILE G 47 -8.70 -37.73 -23.48
C ILE G 47 -7.17 -37.71 -23.46
N ASP G 48 -6.56 -37.26 -24.54
CA ASP G 48 -5.08 -37.08 -24.67
C ASP G 48 -4.33 -38.32 -24.22
N GLY G 49 -4.77 -39.53 -24.56
CA GLY G 49 -4.12 -40.78 -24.17
C GLY G 49 -4.57 -41.31 -22.82
N GLU G 50 -5.35 -40.52 -22.08
CA GLU G 50 -5.82 -40.91 -20.73
C GLU G 50 -7.26 -41.37 -20.84
N THR G 51 -7.48 -42.66 -20.68
CA THR G 51 -8.85 -43.19 -20.72
C THR G 51 -9.60 -42.75 -19.47
N CYS G 52 -10.21 -41.56 -19.54
CA CYS G 52 -10.83 -40.99 -18.33
C CYS G 52 -12.28 -41.29 -18.06
N LEU G 53 -12.90 -40.45 -17.24
CA LEU G 53 -14.28 -40.61 -16.91
C LEU G 53 -14.72 -39.22 -16.56
N LEU G 54 -15.60 -38.62 -17.37
CA LEU G 54 -15.98 -37.25 -17.14
C LEU G 54 -17.36 -37.21 -16.53
N ASP G 55 -17.47 -36.76 -15.28
CA ASP G 55 -18.80 -36.62 -14.68
C ASP G 55 -19.22 -35.19 -14.86
N ILE G 56 -20.13 -34.97 -15.79
CA ILE G 56 -20.59 -33.62 -16.08
C ILE G 56 -21.86 -33.30 -15.33
N LEU G 57 -21.79 -32.30 -14.46
CA LEU G 57 -22.93 -31.86 -13.69
C LEU G 57 -23.57 -30.66 -14.41
N ASP G 58 -24.79 -30.83 -14.93
CA ASP G 58 -25.42 -29.78 -15.72
C ASP G 58 -26.31 -28.95 -14.81
N THR G 59 -25.87 -27.74 -14.46
CA THR G 59 -26.53 -27.02 -13.37
C THR G 59 -27.77 -26.26 -13.86
N ALA G 60 -28.74 -26.14 -12.97
CA ALA G 60 -29.97 -25.42 -13.27
C ALA G 60 -30.68 -25.09 -11.97
N GLY G 61 -31.58 -24.12 -12.05
CA GLY G 61 -32.37 -23.74 -10.90
C GLY G 61 -32.01 -22.37 -10.39
N GLN G 62 -32.65 -22.02 -9.27
CA GLN G 62 -32.50 -20.66 -8.71
C GLN G 62 -31.29 -20.56 -7.80
N GLU G 63 -30.85 -19.35 -7.54
CA GLU G 63 -29.66 -19.16 -6.70
C GLU G 63 -29.98 -19.67 -5.30
N GLU G 64 -29.03 -20.37 -4.70
CA GLU G 64 -29.17 -20.82 -3.30
C GLU G 64 -27.76 -20.75 -2.75
N TYR G 65 -27.49 -19.89 -1.80
CA TYR G 65 -26.12 -19.72 -1.31
C TYR G 65 -26.04 -20.46 0.01
N SER G 66 -26.74 -21.58 0.07
CA SER G 66 -26.74 -22.37 1.29
C SER G 66 -25.42 -23.12 1.44
N ALA G 67 -25.21 -23.66 2.63
CA ALA G 67 -24.01 -24.47 2.83
C ALA G 67 -24.10 -25.74 2.00
N MET G 68 -25.28 -26.18 1.60
CA MET G 68 -25.38 -27.40 0.84
C MET G 68 -25.05 -27.22 -0.62
N ARG G 69 -25.55 -26.17 -1.27
CA ARG G 69 -25.32 -26.03 -2.72
C ARG G 69 -23.85 -25.69 -2.91
N ASP G 70 -23.30 -24.96 -1.96
CA ASP G 70 -21.87 -24.61 -2.00
C ASP G 70 -21.05 -25.87 -1.88
N GLN G 71 -21.35 -26.73 -0.91
CA GLN G 71 -20.55 -27.97 -0.71
C GLN G 71 -20.60 -28.84 -1.96
N TYR G 72 -21.77 -29.02 -2.54
CA TYR G 72 -21.90 -29.83 -3.77
C TYR G 72 -21.11 -29.17 -4.89
N MET G 73 -21.25 -27.85 -5.04
CA MET G 73 -20.60 -27.14 -6.18
C MET G 73 -19.09 -27.18 -5.96
N ARG G 74 -18.65 -27.25 -4.71
CA ARG G 74 -17.21 -27.29 -4.37
C ARG G 74 -16.61 -28.62 -4.83
N THR G 75 -17.42 -29.67 -4.98
CA THR G 75 -16.91 -30.99 -5.43
C THR G 75 -16.32 -30.82 -6.83
N GLY G 76 -16.93 -29.97 -7.64
CA GLY G 76 -16.38 -29.68 -8.97
C GLY G 76 -14.89 -29.38 -8.95
N GLU G 77 -14.16 -29.86 -9.95
CA GLU G 77 -12.70 -29.61 -10.07
C GLU G 77 -12.43 -28.62 -11.20
N GLY G 78 -13.34 -28.51 -12.18
CA GLY G 78 -13.18 -27.53 -13.23
C GLY G 78 -14.55 -27.03 -13.63
N PHE G 79 -14.69 -25.73 -13.89
CA PHE G 79 -16.00 -25.19 -14.19
C PHE G 79 -16.04 -24.70 -15.63
N LEU G 80 -17.24 -24.50 -16.12
CA LEU G 80 -17.46 -24.27 -17.53
C LEU G 80 -18.49 -23.16 -17.59
N CYS G 81 -18.02 -21.92 -17.53
CA CYS G 81 -18.91 -20.77 -17.48
C CYS G 81 -19.33 -20.42 -18.90
N VAL G 82 -20.46 -20.95 -19.31
CA VAL G 82 -20.91 -20.66 -20.69
C VAL G 82 -21.69 -19.36 -20.69
N PHE G 83 -21.91 -18.82 -21.87
CA PHE G 83 -22.75 -17.62 -22.08
C PHE G 83 -23.17 -17.60 -23.54
N ALA G 84 -24.29 -16.96 -23.82
CA ALA G 84 -24.83 -16.90 -25.19
C ALA G 84 -24.32 -15.64 -25.86
N ILE G 85 -23.79 -15.75 -27.08
CA ILE G 85 -23.28 -14.58 -27.80
C ILE G 85 -24.37 -13.72 -28.41
N ASN G 86 -25.65 -14.05 -28.18
CA ASN G 86 -26.72 -13.09 -28.47
C ASN G 86 -27.27 -12.45 -27.22
N ASN G 87 -26.95 -13.00 -26.04
CA ASN G 87 -27.40 -12.42 -24.77
C ASN G 87 -26.31 -11.66 -24.06
N THR G 88 -26.51 -10.37 -23.87
CA THR G 88 -25.51 -9.55 -23.21
C THR G 88 -25.43 -9.89 -21.75
N LYS G 89 -26.56 -9.91 -21.09
CA LYS G 89 -26.59 -10.20 -19.69
C LYS G 89 -25.78 -11.45 -19.40
N SER G 90 -25.97 -12.48 -20.20
CA SER G 90 -25.26 -13.71 -19.95
C SER G 90 -23.81 -13.40 -19.75
N PHE G 91 -23.29 -12.54 -20.60
CA PHE G 91 -21.90 -12.19 -20.51
C PHE G 91 -21.64 -11.39 -19.24
N GLU G 92 -22.49 -10.42 -18.96
CA GLU G 92 -22.32 -9.60 -17.78
C GLU G 92 -22.29 -10.45 -16.55
N ASP G 93 -23.21 -11.39 -16.46
CA ASP G 93 -23.30 -12.25 -15.29
C ASP G 93 -22.10 -13.17 -15.14
N ILE G 94 -21.34 -13.37 -16.22
CA ILE G 94 -20.16 -14.23 -16.18
C ILE G 94 -19.26 -13.87 -15.01
N HIS G 95 -19.04 -12.57 -14.82
CA HIS G 95 -18.32 -12.13 -13.64
C HIS G 95 -18.87 -12.79 -12.37
N HIS G 96 -20.17 -12.68 -12.14
CA HIS G 96 -20.75 -13.26 -10.90
C HIS G 96 -20.54 -14.76 -10.84
N TYR G 97 -20.61 -15.44 -11.97
CA TYR G 97 -20.40 -16.90 -11.91
C TYR G 97 -18.97 -17.19 -11.53
N ARG G 98 -18.02 -16.57 -12.21
CA ARG G 98 -16.63 -16.78 -11.83
C ARG G 98 -16.42 -16.50 -10.35
N GLU G 99 -17.01 -15.43 -9.82
CA GLU G 99 -16.63 -15.09 -8.46
C GLU G 99 -17.16 -16.10 -7.46
N GLN G 100 -18.36 -16.63 -7.68
CA GLN G 100 -18.88 -17.62 -6.70
C GLN G 100 -17.99 -18.85 -6.72
N ILE G 101 -17.51 -19.26 -7.89
CA ILE G 101 -16.58 -20.37 -8.00
C ILE G 101 -15.31 -20.11 -7.17
N LYS G 102 -14.67 -18.94 -7.37
CA LYS G 102 -13.53 -18.55 -6.53
C LYS G 102 -13.81 -18.83 -5.06
N ARG G 103 -14.99 -18.42 -4.57
CA ARG G 103 -15.24 -18.51 -3.12
C ARG G 103 -15.33 -19.94 -2.65
N VAL G 104 -16.11 -20.78 -3.36
CA VAL G 104 -16.30 -22.16 -2.89
C VAL G 104 -15.02 -22.94 -3.07
N LYS G 105 -14.27 -22.66 -4.13
CA LYS G 105 -13.01 -23.35 -4.31
C LYS G 105 -11.88 -22.76 -3.49
N ASP G 106 -12.10 -21.64 -2.81
CA ASP G 106 -11.13 -21.08 -1.89
C ASP G 106 -9.83 -20.71 -2.52
N SER G 107 -9.90 -20.09 -3.67
CA SER G 107 -8.70 -19.66 -4.34
C SER G 107 -8.93 -18.60 -5.37
N GLU G 108 -7.86 -17.92 -5.74
CA GLU G 108 -7.92 -16.94 -6.79
C GLU G 108 -7.70 -17.75 -8.02
N ASP G 109 -7.02 -18.87 -7.87
CA ASP G 109 -6.72 -19.74 -8.99
C ASP G 109 -7.70 -20.92 -9.00
N VAL G 110 -8.46 -21.05 -10.08
CA VAL G 110 -9.41 -22.16 -10.22
C VAL G 110 -9.52 -22.59 -11.68
N PRO G 111 -9.58 -23.91 -11.96
CA PRO G 111 -9.72 -24.37 -13.35
C PRO G 111 -11.07 -24.03 -13.96
N MET G 112 -11.06 -23.19 -14.97
CA MET G 112 -12.27 -22.86 -15.71
C MET G 112 -11.86 -22.58 -17.13
N VAL G 113 -12.83 -22.62 -18.05
CA VAL G 113 -12.66 -22.05 -19.39
C VAL G 113 -13.99 -21.42 -19.81
N LEU G 114 -13.92 -20.17 -20.25
CA LEU G 114 -15.08 -19.53 -20.85
C LEU G 114 -15.58 -20.32 -22.06
N VAL G 115 -16.82 -20.09 -22.43
CA VAL G 115 -17.40 -20.78 -23.55
C VAL G 115 -18.55 -19.98 -24.09
N GLY G 116 -18.44 -19.52 -25.34
CA GLY G 116 -19.55 -18.83 -25.96
C GLY G 116 -20.41 -19.77 -26.79
N ASN G 117 -21.57 -20.16 -26.28
CA ASN G 117 -22.44 -21.08 -27.00
C ASN G 117 -23.35 -20.30 -27.92
N LYS G 118 -24.06 -21.01 -28.80
CA LYS G 118 -24.99 -20.36 -29.71
C LYS G 118 -24.28 -19.46 -30.73
N SER G 119 -23.18 -19.93 -31.30
CA SER G 119 -22.47 -19.17 -32.32
C SER G 119 -23.23 -19.35 -33.61
N ASP G 120 -24.06 -20.38 -33.67
CA ASP G 120 -24.86 -20.64 -34.84
C ASP G 120 -25.72 -19.45 -35.12
N LEU G 121 -26.36 -18.94 -34.09
CA LEU G 121 -27.28 -17.84 -34.27
C LEU G 121 -26.65 -16.68 -35.00
N PRO G 122 -27.44 -15.99 -35.82
CA PRO G 122 -26.92 -14.90 -36.67
C PRO G 122 -26.47 -13.64 -35.97
N SER G 123 -27.33 -13.06 -35.15
CA SER G 123 -26.99 -11.78 -34.55
C SER G 123 -26.10 -11.96 -33.35
N ARG G 124 -25.22 -11.00 -33.12
CA ARG G 124 -24.30 -11.12 -32.02
C ARG G 124 -24.37 -9.88 -31.18
N THR G 125 -24.31 -10.04 -29.87
CA THR G 125 -24.31 -8.90 -28.99
C THR G 125 -22.94 -8.81 -28.46
N VAL G 126 -22.50 -9.88 -27.86
CA VAL G 126 -21.15 -9.93 -27.38
C VAL G 126 -20.28 -10.40 -28.53
N ASP G 127 -19.30 -9.61 -28.93
CA ASP G 127 -18.41 -9.98 -30.02
C ASP G 127 -17.28 -10.85 -29.55
N THR G 128 -16.80 -11.74 -30.41
CA THR G 128 -15.74 -12.68 -30.04
C THR G 128 -14.59 -12.00 -29.37
N LYS G 129 -14.35 -10.75 -29.74
CA LYS G 129 -13.17 -10.02 -29.25
C LYS G 129 -13.15 -9.85 -27.73
N GLN G 130 -14.18 -9.21 -27.17
CA GLN G 130 -14.16 -8.88 -25.73
C GLN G 130 -14.01 -10.16 -24.91
N ALA G 131 -14.66 -11.22 -25.36
CA ALA G 131 -14.63 -12.46 -24.56
C ALA G 131 -13.19 -12.93 -24.42
N GLN G 132 -12.42 -12.93 -25.50
CA GLN G 132 -11.05 -13.50 -25.37
C GLN G 132 -10.28 -12.62 -24.40
N ASP G 133 -10.41 -11.30 -24.53
CA ASP G 133 -9.58 -10.42 -23.67
C ASP G 133 -10.01 -10.55 -22.20
N LEU G 134 -11.31 -10.67 -21.93
CA LEU G 134 -11.75 -10.88 -20.53
C LEU G 134 -11.12 -12.18 -20.05
N ALA G 135 -11.08 -13.16 -20.93
CA ALA G 135 -10.49 -14.46 -20.56
C ALA G 135 -9.03 -14.25 -20.17
N ARG G 136 -8.38 -13.33 -20.88
CA ARG G 136 -6.98 -13.00 -20.53
C ARG G 136 -6.98 -12.45 -19.12
N SER G 137 -7.93 -11.56 -18.82
CA SER G 137 -7.98 -10.93 -17.47
C SER G 137 -8.02 -12.01 -16.41
N TYR G 138 -8.57 -13.17 -16.76
CA TYR G 138 -8.73 -14.18 -15.72
C TYR G 138 -7.61 -15.22 -15.73
N GLY G 139 -7.19 -15.67 -16.92
CA GLY G 139 -6.22 -16.73 -17.07
C GLY G 139 -6.78 -17.96 -17.78
N ILE G 140 -7.94 -17.80 -18.40
CA ILE G 140 -8.72 -18.94 -18.88
C ILE G 140 -8.61 -19.07 -20.40
N PRO G 141 -8.55 -20.30 -20.92
CA PRO G 141 -8.79 -20.49 -22.37
C PRO G 141 -10.23 -20.14 -22.71
N PHE G 142 -10.42 -19.30 -23.73
CA PHE G 142 -11.74 -19.10 -24.31
C PHE G 142 -11.97 -20.04 -25.49
N ILE G 143 -13.20 -20.51 -25.63
CA ILE G 143 -13.55 -21.38 -26.74
C ILE G 143 -14.96 -21.08 -27.19
N GLU G 144 -15.11 -20.58 -28.41
CA GLU G 144 -16.44 -20.36 -28.93
C GLU G 144 -17.03 -21.74 -29.19
N THR G 145 -18.33 -21.89 -29.02
CA THR G 145 -18.95 -23.20 -29.19
C THR G 145 -20.36 -23.10 -29.73
N SER G 146 -20.83 -24.17 -30.34
CA SER G 146 -22.18 -24.21 -30.85
C SER G 146 -22.76 -25.52 -30.45
N ALA G 147 -24.00 -25.52 -29.99
CA ALA G 147 -24.58 -26.74 -29.51
C ALA G 147 -25.37 -27.42 -30.58
N LYS G 148 -25.88 -26.65 -31.53
CA LYS G 148 -26.58 -27.26 -32.65
C LYS G 148 -25.57 -27.72 -33.72
N THR G 149 -24.70 -26.82 -34.16
CA THR G 149 -23.61 -27.23 -35.04
C THR G 149 -22.61 -28.14 -34.35
N ARG G 150 -22.66 -28.26 -33.04
CA ARG G 150 -21.76 -29.17 -32.30
C ARG G 150 -20.30 -28.73 -32.28
N GLN G 151 -19.96 -27.68 -33.01
CA GLN G 151 -18.57 -27.24 -33.08
C GLN G 151 -17.98 -26.87 -31.72
N GLY G 152 -16.74 -27.28 -31.48
CA GLY G 152 -16.06 -26.90 -30.25
C GLY G 152 -16.55 -27.57 -28.99
N VAL G 153 -17.75 -28.13 -29.03
CA VAL G 153 -18.32 -28.76 -27.84
C VAL G 153 -17.30 -29.63 -27.13
N ASP G 154 -16.62 -30.49 -27.89
CA ASP G 154 -15.66 -31.40 -27.29
C ASP G 154 -14.45 -30.65 -26.77
N ASP G 155 -13.84 -29.82 -27.60
CA ASP G 155 -12.60 -29.16 -27.18
C ASP G 155 -12.77 -28.52 -25.81
N ALA G 156 -13.78 -27.69 -25.67
CA ALA G 156 -14.02 -27.06 -24.39
C ALA G 156 -14.01 -28.10 -23.29
N PHE G 157 -14.93 -29.05 -23.39
CA PHE G 157 -15.00 -30.10 -22.38
C PHE G 157 -13.69 -30.86 -22.23
N TYR G 158 -12.79 -30.76 -23.21
CA TYR G 158 -11.48 -31.42 -23.04
C TYR G 158 -10.47 -30.45 -22.43
N THR G 159 -10.34 -29.27 -23.01
CA THR G 159 -9.38 -28.31 -22.52
C THR G 159 -9.64 -27.92 -21.07
N LEU G 160 -10.86 -28.12 -20.62
CA LEU G 160 -11.16 -27.83 -19.24
C LEU G 160 -10.43 -28.85 -18.42
N VAL G 161 -10.43 -30.09 -18.88
CA VAL G 161 -9.81 -31.15 -18.11
C VAL G 161 -8.31 -31.12 -18.25
N ARG G 162 -7.83 -30.48 -19.29
CA ARG G 162 -6.37 -30.37 -19.39
C ARG G 162 -5.94 -29.49 -18.21
N GLU G 163 -6.66 -28.38 -18.01
CA GLU G 163 -6.32 -27.43 -16.92
C GLU G 163 -6.39 -28.16 -15.59
N ILE G 164 -7.45 -28.92 -15.39
CA ILE G 164 -7.66 -29.72 -14.15
C ILE G 164 -6.42 -30.55 -13.91
N ARG G 165 -5.95 -31.30 -14.90
CA ARG G 165 -4.74 -32.12 -14.72
C ARG G 165 -3.60 -31.19 -14.35
N LYS G 166 -3.44 -30.08 -15.06
CA LYS G 166 -2.37 -29.10 -14.72
C LYS G 166 -2.46 -28.71 -13.24
N HIS G 167 -3.63 -28.43 -12.68
CA HIS G 167 -3.75 -28.03 -11.25
C HIS G 167 -3.10 -29.04 -10.27
N LYS G 168 -3.13 -30.33 -10.57
CA LYS G 168 -2.63 -31.41 -9.71
C LYS G 168 -1.11 -31.55 -9.78
N GLU G 169 -0.45 -30.78 -10.65
CA GLU G 169 1.03 -30.77 -10.76
C GLU G 169 1.56 -29.82 -9.68
N VAL H 8 -6.02 36.67 14.18
CA VAL H 8 -7.34 36.58 13.50
C VAL H 8 -8.36 35.94 14.45
N VAL H 9 -9.60 36.42 14.46
CA VAL H 9 -10.63 35.93 15.37
C VAL H 9 -11.77 35.36 14.53
N VAL H 10 -11.77 34.03 14.41
CA VAL H 10 -12.75 33.31 13.56
C VAL H 10 -13.69 32.51 14.45
N GLY H 11 -14.93 32.44 14.03
CA GLY H 11 -15.91 31.66 14.74
C GLY H 11 -17.19 31.70 13.93
N ALA H 12 -18.10 30.80 14.28
CA ALA H 12 -19.43 30.93 13.73
C ALA H 12 -20.05 32.22 14.24
N VAL H 13 -20.89 32.80 13.39
CA VAL H 13 -21.55 34.08 13.77
C VAL H 13 -22.40 33.71 14.96
N GLY H 14 -22.19 34.37 16.09
CA GLY H 14 -22.95 34.06 17.28
C GLY H 14 -22.09 33.83 18.50
N VAL H 15 -20.88 33.34 18.30
CA VAL H 15 -20.04 33.03 19.43
C VAL H 15 -19.69 34.26 20.25
N GLY H 16 -19.48 35.39 19.60
CA GLY H 16 -19.09 36.57 20.33
C GLY H 16 -17.80 37.08 19.77
N LYS H 17 -17.50 36.63 18.56
CA LYS H 17 -16.25 37.08 17.89
C LYS H 17 -16.11 38.56 18.19
N SER H 18 -17.02 39.36 17.65
CA SER H 18 -16.88 40.82 17.82
C SER H 18 -17.00 41.19 19.30
N THR H 21 -13.87 40.70 21.61
CA THR H 21 -12.69 41.29 20.91
C THR H 21 -12.49 42.72 21.38
N ILE H 22 -13.59 43.44 21.65
CA ILE H 22 -13.51 44.85 22.16
C ILE H 22 -12.82 44.83 23.52
N GLN H 23 -13.10 43.80 24.32
CA GLN H 23 -12.52 43.74 25.68
C GLN H 23 -11.03 44.03 25.60
N LEU H 24 -10.27 43.22 24.86
CA LEU H 24 -8.84 43.43 24.80
C LEU H 24 -8.55 44.83 24.30
N ILE H 25 -9.61 45.57 23.99
CA ILE H 25 -9.43 46.90 23.45
C ILE H 25 -10.00 47.99 24.33
N GLN H 26 -11.31 48.14 24.31
CA GLN H 26 -11.95 49.19 25.09
C GLN H 26 -12.43 48.62 26.40
N ASN H 27 -11.77 47.58 26.88
CA ASN H 27 -12.22 46.92 28.14
C ASN H 27 -13.70 46.56 28.03
N HIS H 28 -14.38 46.42 29.16
CA HIS H 28 -15.82 46.02 29.20
C HIS H 28 -16.14 44.96 28.15
N ASP H 31 -21.03 45.33 23.69
CA ASP H 31 -22.22 44.54 24.08
C ASP H 31 -22.88 44.01 22.81
N GLU H 32 -23.51 44.88 22.02
CA GLU H 32 -24.08 44.44 20.72
C GLU H 32 -23.25 45.07 19.60
N TYR H 33 -22.71 44.26 18.68
CA TYR H 33 -21.82 44.79 17.62
C TYR H 33 -22.31 44.24 16.29
N ASP H 34 -22.68 45.11 15.35
CA ASP H 34 -23.24 44.67 14.05
C ASP H 34 -22.64 43.31 13.69
N PRO H 35 -23.48 42.29 13.42
CA PRO H 35 -22.97 40.97 13.09
C PRO H 35 -22.02 41.05 11.90
N THR H 36 -22.28 41.97 10.98
CA THR H 36 -21.52 42.02 9.72
C THR H 36 -20.25 42.88 9.80
N ILE H 37 -19.82 43.31 10.99
CA ILE H 37 -18.66 44.27 11.02
C ILE H 37 -17.31 43.57 11.24
N GLU H 38 -16.40 43.74 10.29
CA GLU H 38 -15.04 43.17 10.38
C GLU H 38 -14.04 44.32 10.29
N ASP H 39 -13.19 44.45 11.29
CA ASP H 39 -12.16 45.50 11.27
C ASP H 39 -10.82 45.03 11.87
N SER H 40 -9.79 45.85 11.76
CA SER H 40 -8.45 45.49 12.25
C SER H 40 -7.97 46.41 13.36
N TYR H 41 -8.18 45.98 14.60
CA TYR H 41 -7.80 46.79 15.79
C TYR H 41 -6.37 46.44 16.22
N ARG H 42 -5.53 47.46 16.33
CA ARG H 42 -4.12 47.26 16.76
C ARG H 42 -3.99 47.80 18.18
N LYS H 43 -3.44 47.02 19.11
CA LYS H 43 -3.20 47.53 20.49
C LYS H 43 -1.81 47.05 20.91
N GLN H 44 -1.22 47.64 21.96
CA GLN H 44 0.18 47.23 22.27
C GLN H 44 0.32 46.76 23.73
N VAL H 45 1.31 45.91 24.00
CA VAL H 45 1.56 45.44 25.39
C VAL H 45 2.86 46.07 25.90
N ASP H 48 3.90 39.67 29.24
CA ASP H 48 4.92 38.59 29.43
C ASP H 48 6.28 39.11 28.94
N GLY H 49 6.60 40.38 29.21
CA GLY H 49 7.94 40.90 28.90
C GLY H 49 8.14 41.34 27.47
N GLU H 50 7.08 41.32 26.65
CA GLU H 50 7.20 41.85 25.27
C GLU H 50 6.13 42.91 25.11
N THR H 51 6.47 44.03 24.48
CA THR H 51 5.50 45.13 24.31
C THR H 51 5.20 45.36 22.82
N CYS H 52 4.78 44.33 22.11
CA CYS H 52 4.58 44.48 20.65
C CYS H 52 3.10 44.80 20.41
N LEU H 53 2.76 45.19 19.19
CA LEU H 53 1.35 45.56 18.86
C LEU H 53 0.73 44.42 18.05
N LEU H 54 -0.31 43.78 18.59
CA LEU H 54 -0.99 42.67 17.90
C LEU H 54 -1.84 43.23 16.77
N ASP H 55 -1.79 42.63 15.57
CA ASP H 55 -2.70 43.08 14.48
C ASP H 55 -3.99 42.24 14.52
N ILE H 56 -4.94 42.61 15.38
CA ILE H 56 -6.17 41.79 15.54
C ILE H 56 -7.16 42.11 14.43
N LEU H 57 -7.95 41.11 14.02
CA LEU H 57 -8.92 41.32 12.94
C LEU H 57 -10.18 40.52 13.22
N ASP H 58 -11.19 41.16 13.77
CA ASP H 58 -12.44 40.48 14.11
C ASP H 58 -13.18 40.16 12.85
N THR H 59 -13.00 38.96 12.33
CA THR H 59 -13.62 38.61 11.07
C THR H 59 -15.13 38.55 11.22
N ALA H 60 -15.83 38.79 10.13
CA ALA H 60 -17.27 38.68 10.17
C ALA H 60 -17.77 38.54 8.75
N GLY H 61 -19.06 38.24 8.63
CA GLY H 61 -19.64 38.22 7.29
C GLY H 61 -19.88 36.84 6.72
N GLN H 62 -20.26 36.82 5.45
CA GLN H 62 -20.62 35.58 4.75
C GLN H 62 -19.38 34.73 4.46
N GLU H 63 -19.57 33.42 4.30
CA GLU H 63 -18.43 32.57 3.90
C GLU H 63 -18.03 33.03 2.50
N GLU H 64 -16.76 33.30 2.30
CA GLU H 64 -16.31 33.60 0.91
C GLU H 64 -15.05 32.77 0.70
N TYR H 65 -15.04 32.03 -0.40
CA TYR H 65 -13.86 31.21 -0.74
C TYR H 65 -13.28 31.81 -2.01
N SER H 66 -13.23 33.14 -2.06
CA SER H 66 -12.59 33.80 -3.20
C SER H 66 -11.12 33.61 -3.04
N ALA H 67 -10.37 34.10 -4.01
CA ALA H 67 -8.93 34.11 -3.84
C ALA H 67 -8.58 35.26 -2.92
N MET H 68 -9.36 36.33 -2.98
CA MET H 68 -9.09 37.50 -2.17
C MET H 68 -9.25 37.31 -0.69
N ARG H 69 -10.36 36.69 -0.29
CA ARG H 69 -10.61 36.47 1.12
C ARG H 69 -9.57 35.56 1.60
N ASP H 70 -9.10 34.75 0.70
CA ASP H 70 -8.03 33.80 1.08
C ASP H 70 -6.75 34.57 1.38
N GLN H 71 -6.24 35.31 0.40
CA GLN H 71 -4.97 36.08 0.51
C GLN H 71 -4.99 36.91 1.78
N TYR H 72 -6.04 37.67 2.00
CA TYR H 72 -6.18 38.46 3.22
C TYR H 72 -6.04 37.52 4.41
N MET H 73 -6.81 36.45 4.50
CA MET H 73 -6.77 35.55 5.65
C MET H 73 -5.42 34.87 5.78
N ARG H 74 -4.75 34.62 4.68
CA ARG H 74 -3.43 34.03 4.73
C ARG H 74 -2.49 34.90 5.53
N THR H 75 -2.50 36.20 5.28
CA THR H 75 -1.59 37.08 5.98
C THR H 75 -1.49 36.71 7.44
N GLY H 76 -2.63 36.41 8.07
CA GLY H 76 -2.66 36.06 9.50
C GLY H 76 -1.61 35.04 9.93
N GLU H 77 -1.01 35.23 11.11
CA GLU H 77 0.01 34.29 11.62
C GLU H 77 -0.64 33.42 12.68
N GLY H 78 -1.50 33.98 13.50
CA GLY H 78 -2.19 33.18 14.53
C GLY H 78 -3.68 33.32 14.43
N PHE H 79 -4.40 32.24 14.64
CA PHE H 79 -5.87 32.34 14.52
C PHE H 79 -6.53 31.79 15.76
N LEU H 80 -7.50 32.52 16.30
CA LEU H 80 -8.23 32.07 17.49
C LEU H 80 -9.50 31.40 17.00
N CYS H 81 -9.64 30.10 17.18
CA CYS H 81 -10.90 29.44 16.75
C CYS H 81 -11.85 29.55 17.94
N VAL H 82 -13.00 30.14 17.73
CA VAL H 82 -13.86 30.45 18.91
C VAL H 82 -15.21 29.76 18.77
N PHE H 83 -15.85 29.43 19.88
CA PHE H 83 -17.19 28.83 19.83
C PHE H 83 -17.94 29.15 21.11
N ALA H 84 -19.26 28.98 21.07
CA ALA H 84 -20.10 29.24 22.22
C ALA H 84 -20.36 27.98 23.00
N ILE H 85 -20.29 28.07 24.31
CA ILE H 85 -20.46 26.91 25.13
C ILE H 85 -21.93 26.57 25.17
N ASN H 86 -22.72 27.37 24.47
CA ASN H 86 -24.15 27.14 24.42
C ASN H 86 -24.65 26.84 23.00
N ASN H 87 -23.74 26.78 22.03
CA ASN H 87 -24.12 26.51 20.63
C ASN H 87 -23.52 25.16 20.22
N THR H 88 -24.33 24.10 20.26
CA THR H 88 -23.90 22.75 19.83
C THR H 88 -23.23 22.82 18.45
N LYS H 89 -23.78 23.52 17.49
CA LYS H 89 -23.11 23.59 16.21
C LYS H 89 -21.80 24.37 16.29
N SER H 90 -21.69 25.32 17.21
CA SER H 90 -20.50 26.15 17.24
C SER H 90 -19.31 25.27 17.44
N PHE H 91 -19.45 24.28 18.31
CA PHE H 91 -18.32 23.44 18.60
C PHE H 91 -17.96 22.63 17.37
N GLU H 92 -18.95 22.09 16.68
CA GLU H 92 -18.60 21.20 15.55
C GLU H 92 -18.13 21.98 14.33
N ASP H 93 -18.33 23.29 14.30
CA ASP H 93 -17.89 24.08 13.12
C ASP H 93 -16.41 24.39 13.29
N ILE H 94 -15.87 24.08 14.46
CA ILE H 94 -14.49 24.42 14.78
C ILE H 94 -13.52 23.70 13.84
N HIS H 95 -13.75 22.41 13.61
CA HIS H 95 -12.94 21.64 12.67
C HIS H 95 -12.91 22.32 11.31
N HIS H 96 -14.05 22.73 10.79
CA HIS H 96 -14.05 23.31 9.43
C HIS H 96 -13.24 24.61 9.38
N TYR H 97 -13.21 25.38 10.46
CA TYR H 97 -12.35 26.59 10.46
C TYR H 97 -10.89 26.16 10.34
N ARG H 98 -10.48 25.20 11.17
CA ARG H 98 -9.05 24.77 11.18
C ARG H 98 -8.64 24.35 9.77
N GLU H 99 -9.47 23.53 9.13
CA GLU H 99 -9.10 22.99 7.80
C GLU H 99 -8.87 24.18 6.86
N GLN H 100 -9.72 25.20 6.95
CA GLN H 100 -9.57 26.40 6.09
C GLN H 100 -8.24 27.08 6.36
N ILE H 101 -7.88 27.24 7.64
CA ILE H 101 -6.58 27.87 7.97
C ILE H 101 -5.43 27.06 7.39
N LYS H 102 -5.40 25.76 7.55
CA LYS H 102 -4.32 25.00 7.01
C LYS H 102 -4.22 25.18 5.52
N ARG H 103 -5.34 25.09 4.82
CA ARG H 103 -5.30 25.19 3.36
C ARG H 103 -4.56 26.43 2.93
N VAL H 104 -5.00 27.61 3.40
CA VAL H 104 -4.46 28.92 2.98
C VAL H 104 -3.06 29.13 3.53
N LYS H 105 -2.76 28.63 4.72
CA LYS H 105 -1.40 28.72 5.21
C LYS H 105 -0.54 27.68 4.50
N ASP H 106 -1.12 27.00 3.51
CA ASP H 106 -0.40 25.95 2.77
C ASP H 106 0.47 25.07 3.65
N SER H 107 -0.12 24.51 4.70
CA SER H 107 0.61 23.64 5.60
C SER H 107 -0.37 22.89 6.49
N GLU H 108 0.08 21.80 7.11
CA GLU H 108 -0.79 21.09 8.04
C GLU H 108 -0.63 21.62 9.45
N ASP H 109 0.16 22.67 9.61
CA ASP H 109 0.42 23.21 10.93
C ASP H 109 0.35 24.72 10.93
N VAL H 110 -0.55 25.27 11.72
CA VAL H 110 -0.70 26.72 11.82
C VAL H 110 -1.08 27.08 13.25
N PRO H 111 -0.37 28.03 13.84
CA PRO H 111 -0.62 28.33 15.24
C PRO H 111 -2.07 28.67 15.56
N MET H 112 -2.65 28.03 16.57
CA MET H 112 -4.09 28.29 16.87
C MET H 112 -4.31 28.16 18.37
N VAL H 113 -5.46 28.63 18.83
CA VAL H 113 -5.92 28.53 20.20
C VAL H 113 -7.43 28.29 20.17
N LEU H 114 -7.90 27.23 20.83
CA LEU H 114 -9.37 26.96 20.88
C LEU H 114 -10.02 27.80 21.99
N VAL H 115 -11.08 28.52 21.65
CA VAL H 115 -11.76 29.39 22.64
C VAL H 115 -13.24 29.05 22.71
N GLY H 116 -13.75 28.86 23.91
CA GLY H 116 -15.19 28.59 24.11
C GLY H 116 -15.81 29.70 24.93
N ASN H 117 -16.72 30.47 24.35
CA ASN H 117 -17.26 31.65 25.03
C ASN H 117 -18.58 31.42 25.71
N LYS H 118 -19.06 32.44 26.42
CA LYS H 118 -20.38 32.36 27.08
C LYS H 118 -20.32 31.44 28.30
N SER H 119 -19.14 31.33 28.89
CA SER H 119 -18.98 30.50 30.07
C SER H 119 -19.96 30.95 31.10
N ASP H 120 -20.06 32.25 31.24
CA ASP H 120 -20.93 32.80 32.25
C ASP H 120 -22.34 32.24 32.21
N LEU H 121 -22.97 32.28 31.04
CA LEU H 121 -24.35 31.84 30.93
C LEU H 121 -24.48 30.32 31.02
N THR H 125 -24.43 22.94 26.68
CA THR H 125 -24.46 22.16 25.42
C THR H 125 -23.12 21.43 25.23
N VAL H 126 -22.01 22.15 25.37
CA VAL H 126 -20.66 21.54 25.17
C VAL H 126 -19.85 21.63 26.46
N ASP H 127 -19.30 20.51 26.93
CA ASP H 127 -18.58 20.50 28.23
C ASP H 127 -17.13 20.95 28.04
N THR H 128 -16.51 21.44 29.12
CA THR H 128 -15.11 21.91 29.06
C THR H 128 -14.23 20.73 28.64
N LYS H 129 -14.56 19.53 29.12
CA LYS H 129 -13.69 18.36 28.84
C LYS H 129 -13.64 18.09 27.33
N GLN H 130 -14.78 18.20 26.64
CA GLN H 130 -14.78 17.80 25.20
C GLN H 130 -13.79 18.66 24.43
N ALA H 131 -13.76 19.97 24.70
CA ALA H 131 -12.84 20.88 24.00
C ALA H 131 -11.39 20.51 24.34
N GLN H 132 -11.16 20.14 25.60
CA GLN H 132 -9.79 19.81 26.05
C GLN H 132 -9.31 18.63 25.21
N ASP H 133 -10.23 17.69 24.95
CA ASP H 133 -9.85 16.47 24.19
C ASP H 133 -9.56 16.86 22.73
N LEU H 134 -10.41 17.71 22.15
CA LEU H 134 -10.17 18.16 20.78
C LEU H 134 -8.92 19.04 20.70
N ALA H 135 -8.75 19.92 21.70
CA ALA H 135 -7.51 20.67 21.81
C ALA H 135 -6.31 19.73 21.81
N ARG H 136 -6.41 18.61 22.54
CA ARG H 136 -5.38 17.58 22.42
C ARG H 136 -5.21 17.15 20.96
N SER H 137 -6.34 16.82 20.31
CA SER H 137 -6.29 16.21 18.99
C SER H 137 -5.56 17.08 17.98
N TYR H 138 -5.77 18.40 18.04
CA TYR H 138 -5.06 19.28 17.12
C TYR H 138 -3.63 19.56 17.58
N GLY H 139 -3.44 19.69 18.90
CA GLY H 139 -2.16 20.05 19.45
C GLY H 139 -2.06 21.48 19.95
N ILE H 140 -3.16 22.04 20.44
CA ILE H 140 -3.14 23.51 20.78
C ILE H 140 -3.80 23.76 22.13
N PRO H 141 -3.61 24.96 22.74
CA PRO H 141 -4.23 25.32 24.01
C PRO H 141 -5.73 25.64 23.96
N PHE H 142 -6.45 25.44 25.07
CA PHE H 142 -7.88 25.85 25.14
C PHE H 142 -8.01 26.86 26.29
N ILE H 143 -8.62 28.02 26.05
CA ILE H 143 -8.69 29.07 27.10
C ILE H 143 -10.15 29.45 27.39
N THR H 149 -18.92 39.69 31.94
CA THR H 149 -18.00 38.52 31.98
C THR H 149 -16.57 39.00 32.22
N ARG H 150 -15.89 39.47 31.17
CA ARG H 150 -14.49 39.96 31.30
C ARG H 150 -13.71 38.90 32.07
N GLN H 151 -13.79 37.66 31.62
CA GLN H 151 -13.11 36.56 32.35
C GLN H 151 -12.32 35.69 31.38
N GLY H 152 -11.01 35.60 31.57
CA GLY H 152 -10.19 34.70 30.73
C GLY H 152 -10.23 35.12 29.28
N VAL H 153 -10.49 36.41 29.03
CA VAL H 153 -10.55 36.93 27.63
C VAL H 153 -9.15 36.84 27.00
N ASP H 154 -8.11 37.17 27.77
CA ASP H 154 -6.72 37.15 27.22
C ASP H 154 -5.97 35.93 27.79
N PHE H 157 -5.69 35.48 23.99
CA PHE H 157 -4.93 36.19 22.93
C PHE H 157 -3.46 36.05 23.29
N TYR H 158 -3.18 36.16 24.59
CA TYR H 158 -1.78 36.04 25.07
C TYR H 158 -1.30 34.64 24.74
N THR H 159 -2.18 33.66 24.88
CA THR H 159 -1.78 32.25 24.63
C THR H 159 -1.53 32.08 23.14
N LEU H 160 -2.30 32.78 22.31
CA LEU H 160 -2.13 32.72 20.83
C LEU H 160 -0.84 33.45 20.42
N VAL H 161 -0.59 34.62 21.00
CA VAL H 161 0.67 35.35 20.70
C VAL H 161 1.82 34.49 21.20
N ARG H 162 1.60 33.82 22.33
CA ARG H 162 2.66 32.95 22.88
C ARG H 162 2.95 31.85 21.86
N GLU H 163 1.90 31.28 21.27
CA GLU H 163 2.10 30.27 20.19
C GLU H 163 2.76 31.00 19.02
N ILE H 164 2.35 32.25 18.78
CA ILE H 164 3.01 33.04 17.70
C ILE H 164 4.49 33.07 18.04
N ARG H 165 4.82 33.25 19.32
CA ARG H 165 6.19 33.24 19.69
C ARG H 165 6.78 31.97 19.14
N LYS H 166 6.13 30.85 19.36
CA LYS H 166 6.69 29.58 18.93
C LYS H 166 7.37 29.78 17.60
N HIS H 167 6.68 30.42 16.66
CA HIS H 167 7.34 30.70 15.40
C HIS H 167 8.25 31.90 15.58
C5 X53 I . -27.76 -15.92 -10.69
C7 X53 I . -25.60 -18.49 -9.59
C8 X53 I . -28.91 -13.98 -11.51
C10 X53 I . -26.59 -13.82 -10.46
N12 X53 I . -28.14 -12.67 -8.98
C13 X53 I . -29.42 -12.44 -9.68
C15 X53 I . -25.71 -13.56 -11.66
C17 X53 I . -24.22 -19.98 -9.10
C20 X53 I . -23.15 -21.43 -7.67
C21 X53 I . -21.87 -21.69 -7.38
C22 X53 I . -23.89 -21.46 -6.55
C28 X53 I . -27.99 -11.67 -7.94
C1 X53 I . -28.97 -17.96 -10.68
C11 X53 I . -27.01 -12.51 -9.91
C14 X53 I . -29.88 -13.66 -10.42
C2 X53 I . -27.84 -18.62 -10.23
C23 X53 I . -23.24 -21.71 -5.44
C25 X53 I . -25.27 -21.22 -6.55
C29 X53 I . -27.00 -12.11 -6.88
C3 X53 I . -26.69 -17.88 -10.02
C30 X53 I . -26.22 -10.89 -6.42
C31 X53 I . -26.13 -10.88 -4.91
C32 X53 I . -20.88 -21.75 -8.33
C33 X53 I . -21.47 -22.21 -9.60
C34 X53 I . -22.46 -21.19 -9.99
C35 X53 I . -23.57 -21.20 -8.99
C36 X53 I . -24.53 -22.32 -9.38
C38 X53 I . -24.91 -11.99 -3.28
C41 X53 I . -23.60 -12.42 -1.69
C42 X53 I . -23.86 -12.68 -2.95
C43 X53 I . -22.43 -13.00 -0.88
C44 X53 I . -21.13 -12.78 -1.67
C45 X53 I . -22.66 -14.48 -0.53
C46 X53 I . -21.33 -15.12 -0.14
C47 X53 I . -23.19 -15.29 -1.70
C50 X53 I . -18.83 -11.92 -1.76
C51 X53 I . -17.93 -11.31 -0.72
C52 X53 I . -18.85 -10.79 0.34
C53 X53 I . -19.98 -11.78 0.35
C54 X53 I . -18.14 -13.02 -2.25
C58 X53 I . -16.39 -13.67 -3.84
C59 X53 I . -15.09 -13.57 -3.33
C60 X53 I . -14.61 -12.42 -2.72
C61 X53 I . -13.30 -12.38 -2.24
C62 X53 I . -12.47 -13.47 -2.37
C63 X53 I . -12.94 -14.61 -2.99
C64 X53 I . -14.25 -14.65 -3.46
C65 X53 I . -11.22 -13.41 -1.93
C66 X53 I . -10.12 -13.69 -2.64
C68 X53 I . -9.14 -13.14 -0.72
C70 X53 I . -10.16 -14.13 -4.09
N16 X53 I . -25.39 -19.79 -9.67
N19 X53 I . -24.60 -17.89 -8.97
N26 X53 I . -23.68 -21.80 -4.20
N27 X53 I . -26.33 -21.04 -6.54
N39 X53 I . -25.34 -11.29 -2.24
N4 X53 I . -26.67 -16.56 -10.25
N48 X53 I . -20.10 -12.24 -1.04
N56 X53 I . -17.29 -12.70 -3.20
N6 X53 I . -28.90 -16.59 -10.89
N67 X53 I . -8.98 -13.54 -1.98
N9 X53 I . -27.74 -14.60 -10.91
O18 X53 I . -23.72 -18.83 -8.67
O37 X53 I . -25.45 -12.05 -4.51
O40 X53 I . -24.47 -11.57 -1.22
O49 X53 I . -21.06 -13.09 -2.86
O55 X53 I . -19.36 -9.52 -0.06
O57 X53 I . -18.27 -14.13 -1.76
S24 X53 I . -21.76 -21.93 -5.81
S69 X53 I . -10.73 -12.97 -0.46
H82 X53 I . -28.61 -13.05 -12.00
H81 X53 I . -29.37 -14.64 -12.24
H10 X53 I . -26.03 -14.34 -9.69
H13 X53 I . -29.31 -11.62 -10.38
H84 X53 I . -30.18 -12.20 -8.94
H15 X53 I . -26.30 -13.12 -12.44
H86 X53 I . -25.28 -14.49 -11.99
H87 X53 I . -24.91 -12.87 -11.37
H28 X53 I . -28.95 -11.48 -7.46
H88 X53 I . -27.65 -10.75 -8.41
H1 X53 I . -29.90 -18.50 -10.85
H11 X53 I . -27.29 -11.86 -10.74
H83 X53 I . -26.17 -12.08 -9.38
H14 X53 I . -29.93 -14.49 -9.73
H85 X53 I . -30.86 -13.47 -10.85
H2 X53 I . -27.86 -19.68 -10.05
H29 X53 I . -26.32 -12.85 -7.30
H89 X53 I . -27.54 -12.54 -6.04
H30 X53 I . -26.72 -9.98 -6.75
H9A X53 I . -25.22 -10.92 -6.85
H31 X53 I . -27.12 -10.87 -4.48
H9B X53 I . -25.56 -10.00 -4.58
H32 X53 I . -20.10 -22.44 -8.02
H9C X53 I . -20.46 -20.75 -8.46
H33 X53 I . -21.94 -23.17 -9.47
H9D X53 I . -20.69 -22.27 -10.36
H34 X53 I . -22.84 -21.41 -10.98
H9E X53 I . -21.99 -20.21 -9.99
H36 X53 I . -25.52 -22.15 -8.94
H9F X53 I . -24.13 -23.25 -9.00
H9G X53 I . -24.63 -22.37 -10.46
H42 X53 I . -23.32 -13.35 -3.62
H43 X53 I . -22.40 -12.46 0.07
H45 X53 I . -23.35 -14.55 0.30
H46 X53 I . -20.75 -15.32 -1.04
H9H X53 I . -21.53 -16.05 0.39
H9I X53 I . -20.78 -14.44 0.50
H47 X53 I . -22.61 -15.08 -2.59
H9J X53 I . -24.24 -15.05 -1.87
H9K X53 I . -23.11 -16.35 -1.45
H50 X53 I . -19.03 -11.22 -2.55
H51 X53 I . -17.36 -10.50 -1.16
H9L X53 I . -17.27 -12.07 -0.31
H52 X53 I . -18.35 -10.76 1.31
H9M X53 I . -20.88 -11.29 0.68
H53 X53 I . -19.74 -12.62 1.00
H9N X53 I . -16.75 -14.67 -3.67
H58 X53 I . -16.36 -13.48 -4.90
H60 X53 I . -15.24 -11.54 -2.60
H61 X53 I . -12.93 -11.48 -1.76
H63 X53 I . -12.30 -15.48 -3.10
H64 X53 I . -14.62 -15.56 -3.95
H68 X53 I . -8.35 -12.96 0.01
H9P X53 I . -9.19 -13.94 -4.54
H70 X53 I . -10.93 -13.58 -4.62
H9O X53 I . -10.38 -15.20 -4.14
H9Q X53 I . -23.05 -22.00 -3.46
H26 X53 I . -24.66 -21.66 -4.01
H56 X53 I . -17.19 -11.77 -3.54
H55 X53 I . -20.12 -9.65 -0.69
C5 X53 J . -18.66 29.31 8.15
C7 X53 J . -15.39 30.50 7.51
C8 X53 J . -20.72 28.21 8.69
C10 X53 J . -18.60 26.89 8.10
N12 X53 J . -20.22 26.58 6.31
C13 X53 J . -21.55 27.02 6.75
C15 X53 J . -18.21 26.30 9.42
C17 X53 J . -13.40 31.12 7.32
C20 X53 J . -11.51 31.74 6.18
C21 X53 J . -10.23 31.32 6.21
C22 X53 J . -11.87 32.01 4.91
C28 X53 J . -20.40 25.56 5.26
C1 X53 J . -18.75 31.66 7.96
C11 X53 J . -19.50 25.94 7.41
C14 X53 J . -21.51 28.35 7.44
C2 X53 J . -17.39 31.69 7.75
C23 X53 J . -10.93 31.79 4.00
C25 X53 J . -13.09 32.47 4.54
C29 X53 J . -19.14 25.41 4.42
C3 X53 J . -16.69 30.49 7.74
C30 X53 J . -18.85 23.93 4.22
C31 X53 J . -18.42 23.69 2.78
C32 X53 J . -9.58 30.97 7.37
C33 X53 J . -10.10 31.80 8.46
C34 X53 J . -11.52 31.46 8.59
C35 X53 J . -12.26 31.88 7.36
C36 X53 J . -12.62 33.36 7.51
C38 X53 J . -16.56 24.04 1.46
C41 X53 J . -14.96 23.69 0.14
C42 X53 J . -15.26 24.20 1.32
C43 X53 J . -13.56 23.63 -0.48
C44 X53 J . -12.71 22.73 0.43
C45 X53 J . -12.93 25.03 -0.66
C46 X53 J . -11.54 24.89 -1.25
C47 X53 J . -12.76 25.79 0.65
C50 X53 J . -11.05 20.97 0.64
C51 X53 J . -10.41 20.02 -0.34
C52 X53 J . -11.17 20.22 -1.62
C53 X53 J . -11.49 21.68 -1.57
C54 X53 J . -10.00 21.60 1.29
C58 X53 J . -8.53 21.45 3.21
C59 X53 J . -7.39 20.73 2.88
C60 X53 J . -7.41 19.52 2.19
C61 X53 J . -6.23 18.86 1.90
C62 X53 J . -5.01 19.38 2.31
C63 X53 J . -5.00 20.58 2.99
C64 X53 J . -6.18 21.24 3.28
C65 X53 J . -3.89 18.74 2.03
C66 X53 J . -2.87 18.53 2.87
C68 X53 J . -2.06 17.52 1.06
C70 X53 J . -2.82 18.99 4.31
N16 X53 J . -14.60 31.54 7.69
N19 X53 J . -14.71 29.47 7.05
N26 X53 J . -11.00 31.96 2.70
N27 X53 J . -14.03 32.82 4.23
N39 X53 J . -17.06 23.44 0.39
N4 X53 J . -17.35 29.34 7.93
N48 X53 J . -11.84 21.91 -0.17
N56 X53 J . -9.66 21.00 2.41
N6 X53 J . -19.37 30.44 8.17
N67 X53 J . -1.85 17.85 2.33
N9 X53 J . -19.31 28.15 8.34
O18 X53 J . -13.44 29.87 6.93
O37 X53 J . -17.25 24.45 2.55
O40 X53 J . -16.03 23.23 -0.43
O49 X53 J . -12.86 22.74 1.64
O55 X53 J . -12.37 19.45 -1.57
O57 X53 J . -9.43 22.56 0.80
S24 X53 J . -9.69 31.30 4.72
S69 X53 J . -3.52 18.09 0.66
H82 X53 J . -21.01 27.29 9.19
H81 X53 J . -20.92 29.05 9.36
H10 X53 J . -17.72 27.03 7.47
H13 X53 J . -21.98 26.28 7.42
H84 X53 J . -22.20 27.13 5.88
H15 X53 J . -19.00 26.47 10.13
H86 X53 J . -17.29 26.76 9.76
H87 X53 J . -18.06 25.22 9.29
H28 X53 J . -21.22 25.85 4.61
H88 X53 J . -20.65 24.63 5.75
H1 X53 J . -19.32 32.59 7.98
H11 X53 J . -20.19 25.53 8.14
H83 X53 J . -18.89 25.12 7.01
H14 X53 J . -21.03 29.07 6.78
H85 X53 J . -22.52 28.68 7.67
H2 X53 J . -16.87 32.63 7.59
H29 X53 J . -18.30 25.88 4.94
H89 X53 J . -19.29 25.88 3.46
H30 X53 J . -19.74 23.35 4.42
H9A X53 J . -18.05 23.63 4.89
H31 X53 J . -19.20 24.01 2.11
H9B X53 J . -18.20 22.63 2.64
H32 X53 J . -8.52 31.13 7.25
H9C X53 J . -9.78 29.92 7.59
H33 X53 J . -9.98 32.86 8.20
H9D X53 J . -9.57 31.58 9.39
H34 X53 J . -11.93 31.96 9.47
H9E X53 J . -11.61 30.39 8.72
H36 X53 J . -13.45 33.61 6.85
H9F X53 J . -11.75 33.95 7.24
H9G X53 J . -12.90 33.57 8.54
H42 X53 J . -14.60 24.65 2.04
H43 X53 J . -13.66 23.18 -1.45
H45 X53 J . -13.56 25.61 -1.33
H46 X53 J . -10.88 24.42 -0.52
H9H X53 J . -11.17 25.89 -1.51
H9I X53 J . -11.60 24.28 -2.14
H47 X53 J . -12.49 25.13 1.46
H9J X53 J . -13.68 26.32 0.88
H9K X53 J . -11.96 26.53 0.51
H50 X53 J . -11.68 20.44 1.34
H51 X53 J . -10.51 19.00 0.01
H9L X53 J . -9.35 20.26 -0.48
H52 X53 J . -10.55 19.98 -2.48
H9M X53 J . -12.32 21.89 -2.24
H53 X53 J . -10.62 22.27 -1.83
H9N X53 J . -8.35 22.51 3.04
H58 X53 J . -8.76 21.29 4.26
H60 X53 J . -8.35 19.07 1.86
H61 X53 J . -6.26 17.91 1.36
H63 X53 J . -4.06 21.01 3.31
H64 X53 J . -6.15 22.19 3.82
H68 X53 J . -1.38 16.97 0.42
H9P X53 J . -2.14 18.34 4.86
H70 X53 J . -3.82 18.92 4.75
H9O X53 J . -2.47 20.02 4.35
H9Q X53 J . -10.71 31.22 2.09
H26 X53 J . -11.34 32.82 2.32
H56 X53 J . -10.12 20.18 2.75
H55 X53 J . -13.12 20.03 -1.29
PB GDP K . -30.09 -23.92 -20.19
O1B GDP K . -30.36 -25.21 -19.57
O2B GDP K . -28.75 -23.43 -20.31
O3B GDP K . -30.96 -22.86 -19.79
O3A GDP K . -30.32 -23.88 -21.71
PA GDP K . -30.86 -25.11 -22.44
O1A GDP K . -31.85 -25.70 -21.56
O2A GDP K . -29.79 -25.92 -23.02
O5' GDP K . -31.62 -24.40 -23.56
C5' GDP K . -30.96 -23.68 -24.57
C4' GDP K . -32.03 -22.87 -25.30
O4' GDP K . -31.56 -22.28 -26.48
C3' GDP K . -33.08 -23.78 -25.81
O3' GDP K . -34.17 -22.94 -26.11
C2' GDP K . -32.42 -24.34 -27.03
O2' GDP K . -33.39 -24.61 -28.00
C1' GDP K . -31.59 -23.22 -27.55
N9 GDP K . -30.19 -23.53 -27.76
C8 GDP K . -29.38 -24.14 -26.90
N7 GDP K . -28.15 -24.22 -27.40
C5 GDP K . -28.16 -23.64 -28.59
C6 GDP K . -27.22 -23.37 -29.65
O6 GDP K . -26.05 -23.69 -29.57
N1 GDP K . -27.58 -22.75 -30.74
C2 GDP K . -28.81 -22.35 -30.88
N2 GDP K . -29.07 -21.72 -32.03
N3 GDP K . -29.75 -22.56 -29.95
C4 GDP K . -29.50 -23.18 -28.81
MG MG L . -31.29 -26.58 -18.10
PB GDP M . -20.06 38.22 16.47
O1B GDP M . -19.25 37.29 17.34
O2B GDP M . -19.41 39.54 16.11
O3B GDP M . -20.78 37.59 15.35
O3A GDP M . -21.30 38.42 17.41
PA GDP M . -21.20 39.20 18.77
O1A GDP M . -19.79 39.13 19.28
O2A GDP M . -21.91 40.48 18.56
O5' GDP M . -22.13 38.37 19.66
C5' GDP M . -23.21 38.99 20.29
C4' GDP M . -23.44 38.37 21.63
O4' GDP M . -22.25 37.89 22.25
C3' GDP M . -24.00 39.36 22.63
O3' GDP M . -25.40 39.50 22.36
C2' GDP M . -23.47 38.78 23.95
O2' GDP M . -24.38 38.25 24.89
C1' GDP M . -22.65 37.60 23.54
N9 GDP M . -21.46 37.47 24.32
C8 GDP M . -20.24 37.89 24.00
N7 GDP M . -19.39 37.57 25.00
C5 GDP M . -20.08 36.94 25.95
C6 GDP M . -19.80 36.34 27.26
O6 GDP M . -18.66 36.33 27.78
N1 GDP M . -20.84 35.81 27.89
C2 GDP M . -22.08 35.80 27.39
N2 GDP M . -23.05 35.23 28.11
N3 GDP M . -22.42 36.33 26.20
C4 GDP M . -21.45 36.89 25.48
MG MG N . -19.71 40.69 14.17
#